data_4A1G
#
_entry.id   4A1G
#
_cell.length_a   59.279
_cell.length_b   130.969
_cell.length_c   74.956
_cell.angle_alpha   90.00
_cell.angle_beta   110.17
_cell.angle_gamma   90.00
#
_symmetry.space_group_name_H-M   'P 1 21 1'
#
loop_
_entity.id
_entity.type
_entity.pdbx_description
1 polymer 'MITOTIC CHECKPOINT SERINE/THREONINE-PROTEIN KINASE BUB1'
2 polymer 'PROTEIN CASC5'
3 water water
#
loop_
_entity_poly.entity_id
_entity_poly.type
_entity_poly.pdbx_seq_one_letter_code
_entity_poly.pdbx_strand_id
1 'polypeptide(L)'
;GPMDTPENVLQMLEAHMQSYKGNDPLGEWERYIQWVEENFPENKEYLITLLEHLMKEFLDKKKYHNDPRFISYCLKFAEY
NSDLHQFFEFLYNHGIGTLSSPLYIAWAGHLEAQGELQHASAVLQRGIQNQAEPREFLQQQYRLFQTRLTET
;
A,B,C,D
2 'polypeptide(L)' GPQMDLTSSHTVMITKGLLDNPISEKSTKIDTTSFLANLKLHTEDSRMKKEVN E,F,G,H
#
# COMPACT_ATOMS: atom_id res chain seq x y z
N ASP A 4 8.35 -31.37 -22.69
CA ASP A 4 7.35 -31.32 -21.63
C ASP A 4 7.92 -30.70 -20.36
N THR A 5 9.21 -30.87 -20.16
CA THR A 5 9.89 -30.44 -18.93
C THR A 5 9.44 -29.08 -18.33
N PRO A 6 9.43 -27.99 -19.12
CA PRO A 6 9.02 -26.69 -18.57
C PRO A 6 7.72 -26.79 -17.78
N GLU A 7 6.68 -27.28 -18.45
CA GLU A 7 5.38 -27.46 -17.81
C GLU A 7 5.49 -28.38 -16.61
N ASN A 8 6.50 -29.24 -16.60
CA ASN A 8 6.69 -30.14 -15.49
C ASN A 8 7.16 -29.42 -14.21
N VAL A 9 8.16 -28.57 -14.34
CA VAL A 9 8.66 -27.86 -13.17
C VAL A 9 7.56 -26.95 -12.65
N LEU A 10 6.74 -26.46 -13.56
CA LEU A 10 5.58 -25.67 -13.18
C LEU A 10 4.59 -26.46 -12.35
N GLN A 11 4.36 -27.70 -12.76
CA GLN A 11 3.43 -28.56 -12.02
C GLN A 11 4.03 -28.95 -10.68
N MET A 12 5.32 -29.26 -10.66
CA MET A 12 6.03 -29.48 -9.40
C MET A 12 5.79 -28.33 -8.43
N LEU A 13 6.05 -27.10 -8.89
CA LEU A 13 5.89 -25.91 -8.08
C LEU A 13 4.46 -25.75 -7.61
N GLU A 14 3.56 -25.78 -8.59
CA GLU A 14 2.13 -25.57 -8.38
C GLU A 14 1.56 -26.52 -7.32
N ALA A 15 2.18 -27.67 -7.17
CA ALA A 15 1.77 -28.67 -6.20
C ALA A 15 2.38 -28.34 -4.85
N HIS A 16 3.67 -28.06 -4.87
CA HIS A 16 4.36 -27.67 -3.65
C HIS A 16 3.59 -26.56 -2.95
N MET A 17 3.02 -25.68 -3.76
CA MET A 17 2.32 -24.51 -3.26
C MET A 17 1.01 -24.86 -2.57
N GLN A 18 0.37 -25.96 -2.96
CA GLN A 18 -0.85 -26.41 -2.31
C GLN A 18 -0.60 -26.97 -0.92
N SER A 19 0.59 -27.51 -0.71
CA SER A 19 0.97 -28.03 0.61
C SER A 19 1.54 -26.92 1.46
N TYR A 20 1.75 -25.75 0.87
CA TYR A 20 2.35 -24.62 1.58
C TYR A 20 1.37 -23.97 2.53
N LYS A 21 1.47 -24.33 3.79
CA LYS A 21 0.69 -23.68 4.82
C LYS A 21 1.65 -22.67 5.42
N GLY A 22 1.55 -21.43 4.98
CA GLY A 22 2.56 -20.46 5.34
C GLY A 22 2.22 -19.08 4.87
N ASN A 23 3.11 -18.14 5.14
CA ASN A 23 2.78 -16.73 5.11
C ASN A 23 3.27 -16.00 3.86
N ASP A 24 4.27 -16.60 3.20
CA ASP A 24 5.03 -15.90 2.18
C ASP A 24 5.17 -16.71 0.89
N PRO A 25 4.07 -16.79 0.13
CA PRO A 25 4.06 -17.48 -1.15
C PRO A 25 5.21 -17.01 -2.02
N LEU A 26 5.40 -15.69 -2.12
CA LEU A 26 6.42 -15.17 -3.01
C LEU A 26 7.76 -15.85 -2.76
N GLY A 27 8.09 -16.04 -1.48
CA GLY A 27 9.36 -16.64 -1.12
C GLY A 27 9.59 -18.05 -1.63
N GLU A 28 8.50 -18.80 -1.81
CA GLU A 28 8.53 -20.17 -2.30
C GLU A 28 8.85 -20.16 -3.78
N TRP A 29 8.16 -19.28 -4.49
CA TRP A 29 8.40 -19.12 -5.92
C TRP A 29 9.84 -18.73 -6.14
N GLU A 30 10.41 -17.96 -5.22
CA GLU A 30 11.79 -17.56 -5.43
C GLU A 30 12.65 -18.80 -5.39
N ARG A 31 12.45 -19.65 -4.40
CA ARG A 31 13.22 -20.89 -4.27
C ARG A 31 13.23 -21.68 -5.58
N TYR A 32 12.06 -21.84 -6.18
CA TYR A 32 11.92 -22.57 -7.41
C TYR A 32 12.46 -21.81 -8.61
N ILE A 33 12.24 -20.51 -8.64
CA ILE A 33 12.72 -19.71 -9.76
C ILE A 33 14.24 -19.62 -9.79
N GLN A 34 14.83 -19.43 -8.62
CA GLN A 34 16.28 -19.47 -8.49
C GLN A 34 16.82 -20.82 -8.94
N TRP A 35 16.05 -21.86 -8.67
CA TRP A 35 16.50 -23.21 -8.96
C TRP A 35 16.68 -23.46 -10.44
N VAL A 36 15.67 -23.13 -11.24
CA VAL A 36 15.80 -23.31 -12.68
C VAL A 36 16.82 -22.33 -13.23
N GLU A 37 17.04 -21.24 -12.51
CA GLU A 37 18.04 -20.27 -12.93
C GLU A 37 19.42 -20.90 -12.87
N GLU A 38 19.75 -21.54 -11.76
CA GLU A 38 21.06 -22.14 -11.56
C GLU A 38 21.16 -23.54 -12.16
N ASN A 39 20.23 -23.89 -13.04
CA ASN A 39 20.17 -25.23 -13.61
C ASN A 39 19.64 -25.27 -15.03
N PHE A 40 19.48 -24.11 -15.66
CA PHE A 40 18.95 -24.08 -17.02
C PHE A 40 19.37 -22.86 -17.82
N PRO A 41 20.63 -22.43 -17.66
CA PRO A 41 21.13 -21.33 -18.50
C PRO A 41 20.90 -21.68 -19.97
N GLU A 42 20.73 -22.97 -20.22
CA GLU A 42 20.45 -23.50 -21.54
C GLU A 42 19.17 -22.91 -22.11
N ASN A 43 18.04 -23.47 -21.71
CA ASN A 43 16.75 -23.02 -22.22
C ASN A 43 16.11 -22.04 -21.26
N LYS A 44 15.90 -20.82 -21.72
CA LYS A 44 15.19 -19.83 -20.92
C LYS A 44 13.70 -20.21 -20.92
N GLU A 45 13.39 -21.30 -21.59
CA GLU A 45 12.02 -21.77 -21.68
C GLU A 45 11.43 -22.00 -20.29
N TYR A 46 12.30 -22.37 -19.35
CA TYR A 46 11.85 -22.67 -18.00
C TYR A 46 11.54 -21.39 -17.24
N LEU A 47 12.53 -20.50 -17.20
CA LEU A 47 12.37 -19.20 -16.59
C LEU A 47 11.10 -18.52 -17.09
N ILE A 48 10.94 -18.47 -18.41
CA ILE A 48 9.80 -17.77 -19.00
C ILE A 48 8.46 -18.31 -18.54
N THR A 49 8.35 -19.64 -18.48
CA THR A 49 7.11 -20.25 -18.04
C THR A 49 6.85 -19.82 -16.62
N LEU A 50 7.80 -20.14 -15.75
CA LEU A 50 7.67 -19.77 -14.36
C LEU A 50 7.30 -18.31 -14.21
N LEU A 51 8.06 -17.44 -14.89
CA LEU A 51 7.85 -16.00 -14.80
C LEU A 51 6.42 -15.61 -15.16
N GLU A 52 5.94 -16.14 -16.28
CA GLU A 52 4.55 -15.89 -16.69
C GLU A 52 3.53 -16.29 -15.62
N HIS A 53 3.75 -17.44 -14.99
CA HIS A 53 2.81 -17.85 -13.95
C HIS A 53 2.97 -17.12 -12.65
N LEU A 54 4.18 -16.61 -12.42
CA LEU A 54 4.42 -15.73 -11.29
C LEU A 54 3.46 -14.53 -11.37
N MET A 55 3.43 -13.90 -12.54
CA MET A 55 2.57 -12.75 -12.81
C MET A 55 1.12 -13.06 -12.60
N LYS A 56 0.65 -14.07 -13.33
CA LYS A 56 -0.74 -14.47 -13.26
C LYS A 56 -1.10 -14.77 -11.82
N GLU A 57 -0.20 -15.44 -11.11
CA GLU A 57 -0.46 -15.78 -9.72
C GLU A 57 -0.57 -14.56 -8.81
N PHE A 58 0.23 -13.55 -9.09
CA PHE A 58 0.39 -12.46 -8.14
C PHE A 58 -0.24 -11.17 -8.63
N LEU A 59 -0.79 -11.21 -9.85
CA LEU A 59 -1.58 -10.12 -10.40
C LEU A 59 -2.56 -9.50 -9.39
N ASP A 60 -3.22 -10.34 -8.61
CA ASP A 60 -4.24 -9.80 -7.71
C ASP A 60 -3.85 -9.79 -6.25
N LYS A 61 -2.57 -10.05 -6.00
CA LYS A 61 -2.06 -10.06 -4.65
C LYS A 61 -1.40 -8.72 -4.39
N LYS A 62 -2.23 -7.73 -4.10
CA LYS A 62 -1.80 -6.35 -3.94
C LYS A 62 -0.65 -6.18 -2.96
N LYS A 63 -0.56 -7.08 -1.99
CA LYS A 63 0.45 -6.90 -0.96
C LYS A 63 1.86 -7.23 -1.44
N TYR A 64 1.99 -7.71 -2.67
CA TYR A 64 3.31 -8.00 -3.22
C TYR A 64 3.72 -7.03 -4.31
N HIS A 65 2.85 -6.08 -4.62
CA HIS A 65 3.06 -5.21 -5.78
C HIS A 65 4.24 -4.23 -5.64
N ASN A 66 4.67 -3.98 -4.42
CA ASN A 66 5.92 -3.28 -4.26
C ASN A 66 7.00 -4.07 -3.56
N ASP A 67 6.84 -5.39 -3.52
CA ASP A 67 7.89 -6.25 -2.99
C ASP A 67 9.02 -6.29 -3.99
N PRO A 68 10.22 -5.93 -3.52
CA PRO A 68 11.40 -5.79 -4.38
C PRO A 68 11.68 -7.07 -5.15
N ARG A 69 11.43 -8.22 -4.54
CA ARG A 69 11.72 -9.45 -5.25
C ARG A 69 10.69 -9.74 -6.33
N PHE A 70 9.42 -9.47 -6.07
CA PHE A 70 8.44 -9.56 -7.15
C PHE A 70 8.72 -8.61 -8.30
N ILE A 71 9.09 -7.36 -7.97
CA ILE A 71 9.39 -6.34 -8.97
C ILE A 71 10.62 -6.69 -9.78
N SER A 72 11.54 -7.37 -9.12
CA SER A 72 12.77 -7.79 -9.74
C SER A 72 12.49 -8.85 -10.79
N TYR A 73 11.59 -9.77 -10.47
CA TYR A 73 11.18 -10.76 -11.48
C TYR A 73 10.40 -10.09 -12.60
N CYS A 74 9.69 -9.03 -12.27
CA CYS A 74 8.99 -8.30 -13.31
C CYS A 74 9.97 -7.69 -14.30
N LEU A 75 11.03 -7.07 -13.79
CA LEU A 75 12.12 -6.54 -14.64
C LEU A 75 12.87 -7.63 -15.40
N LYS A 76 13.17 -8.73 -14.71
CA LYS A 76 13.72 -9.92 -15.33
C LYS A 76 12.89 -10.35 -16.53
N PHE A 77 11.58 -10.51 -16.31
CA PHE A 77 10.66 -10.99 -17.35
C PHE A 77 10.51 -10.02 -18.50
N ALA A 78 10.70 -8.74 -18.22
CA ALA A 78 10.62 -7.73 -19.26
C ALA A 78 11.57 -8.10 -20.40
N GLU A 79 12.73 -8.62 -20.05
CA GLU A 79 13.75 -9.01 -21.04
C GLU A 79 13.21 -10.00 -22.09
N TYR A 80 12.20 -10.78 -21.73
CA TYR A 80 11.66 -11.75 -22.67
C TYR A 80 10.41 -11.24 -23.38
N ASN A 81 10.05 -9.98 -23.15
CA ASN A 81 8.85 -9.41 -23.75
C ASN A 81 9.12 -8.80 -25.10
N SER A 82 8.17 -8.90 -26.03
CA SER A 82 8.32 -8.31 -27.35
C SER A 82 8.14 -6.79 -27.35
N ASP A 83 7.25 -6.30 -26.49
CA ASP A 83 6.83 -4.89 -26.53
C ASP A 83 6.99 -4.20 -25.19
N LEU A 84 8.16 -3.64 -24.96
CA LEU A 84 8.49 -3.05 -23.66
C LEU A 84 7.60 -1.86 -23.28
N HIS A 85 7.15 -1.09 -24.27
CA HIS A 85 6.25 0.04 -24.01
C HIS A 85 5.00 -0.47 -23.35
N GLN A 86 4.38 -1.45 -23.99
CA GLN A 86 3.16 -2.00 -23.51
C GLN A 86 3.39 -2.64 -22.15
N PHE A 87 4.47 -3.39 -22.02
CA PHE A 87 4.72 -4.12 -20.79
C PHE A 87 4.83 -3.19 -19.61
N PHE A 88 5.74 -2.20 -19.70
CA PHE A 88 5.95 -1.28 -18.59
C PHE A 88 4.68 -0.53 -18.22
N GLU A 89 3.94 -0.13 -19.25
CA GLU A 89 2.73 0.64 -19.05
C GLU A 89 1.72 -0.22 -18.29
N PHE A 90 1.63 -1.49 -18.71
CA PHE A 90 0.84 -2.47 -17.99
C PHE A 90 1.21 -2.56 -16.50
N LEU A 91 2.50 -2.74 -16.23
CA LEU A 91 2.93 -2.80 -14.85
C LEU A 91 2.47 -1.55 -14.12
N TYR A 92 2.67 -0.40 -14.74
CA TYR A 92 2.42 0.84 -14.05
C TYR A 92 0.95 1.01 -13.72
N ASN A 93 0.09 0.75 -14.69
CA ASN A 93 -1.30 1.02 -14.45
C ASN A 93 -2.05 -0.14 -13.80
N HIS A 94 -1.29 -1.09 -13.27
CA HIS A 94 -1.83 -2.06 -12.32
C HIS A 94 -1.17 -1.92 -10.96
N GLY A 95 -0.41 -0.85 -10.77
CA GLY A 95 0.17 -0.53 -9.49
C GLY A 95 1.31 -1.42 -9.08
N ILE A 96 1.84 -2.18 -10.05
CA ILE A 96 2.99 -3.03 -9.78
C ILE A 96 4.27 -2.22 -9.92
N GLY A 97 4.97 -2.00 -8.80
CA GLY A 97 6.21 -1.27 -8.81
C GLY A 97 6.08 0.24 -8.86
N THR A 98 4.88 0.76 -8.58
CA THR A 98 4.64 2.19 -8.65
C THR A 98 5.36 2.99 -7.53
N LEU A 99 5.89 2.28 -6.56
CA LEU A 99 6.60 2.89 -5.44
C LEU A 99 8.06 2.49 -5.48
N SER A 100 8.47 1.90 -6.60
CA SER A 100 9.79 1.31 -6.77
C SER A 100 10.63 2.15 -7.72
N SER A 101 11.76 2.66 -7.25
CA SER A 101 12.63 3.46 -8.11
C SER A 101 13.14 2.68 -9.31
N PRO A 102 13.53 1.40 -9.11
CA PRO A 102 14.03 0.60 -10.23
C PRO A 102 13.06 0.55 -11.40
N LEU A 103 11.78 0.35 -11.13
CA LEU A 103 10.82 0.32 -12.23
C LEU A 103 10.81 1.65 -12.97
N TYR A 104 10.88 2.78 -12.27
CA TYR A 104 10.94 4.01 -13.04
C TYR A 104 12.25 4.12 -13.81
N ILE A 105 13.37 3.75 -13.16
CA ILE A 105 14.66 3.86 -13.82
C ILE A 105 14.81 2.90 -15.02
N ALA A 106 14.31 1.68 -14.90
CA ALA A 106 14.38 0.73 -16.02
C ALA A 106 13.51 1.18 -17.19
N TRP A 107 12.31 1.62 -16.86
CA TRP A 107 11.34 2.02 -17.85
C TRP A 107 11.80 3.31 -18.56
N ALA A 108 12.13 4.35 -17.83
CA ALA A 108 12.56 5.55 -18.55
C ALA A 108 13.89 5.32 -19.24
N GLY A 109 14.62 4.30 -18.79
CA GLY A 109 15.93 3.99 -19.32
C GLY A 109 15.81 3.44 -20.73
N HIS A 110 14.80 2.60 -20.90
CA HIS A 110 14.45 2.10 -22.21
C HIS A 110 13.91 3.23 -23.11
N LEU A 111 13.10 4.11 -22.55
CA LEU A 111 12.58 5.25 -23.31
C LEU A 111 13.71 6.14 -23.82
N GLU A 112 14.60 6.54 -22.92
CA GLU A 112 15.78 7.30 -23.32
C GLU A 112 16.58 6.60 -24.41
N ALA A 113 16.87 5.32 -24.20
CA ALA A 113 17.60 4.53 -25.19
C ALA A 113 16.92 4.63 -26.57
N GLN A 114 15.59 4.79 -26.57
CA GLN A 114 14.82 4.88 -27.80
C GLN A 114 14.81 6.31 -28.35
N GLY A 115 15.60 7.18 -27.74
CA GLY A 115 15.56 8.58 -28.10
C GLY A 115 14.28 9.32 -27.77
N GLU A 116 13.38 8.68 -27.03
CA GLU A 116 12.16 9.36 -26.60
C GLU A 116 12.40 10.13 -25.32
N LEU A 117 13.13 11.24 -25.42
CA LEU A 117 13.55 11.96 -24.23
C LEU A 117 12.39 12.54 -23.42
N GLN A 118 11.32 12.99 -24.07
CA GLN A 118 10.23 13.65 -23.34
C GLN A 118 9.38 12.66 -22.55
N HIS A 119 9.09 11.51 -23.16
CA HIS A 119 8.49 10.38 -22.46
C HIS A 119 9.37 9.98 -21.25
N ALA A 120 10.66 9.76 -21.48
CA ALA A 120 11.53 9.37 -20.39
C ALA A 120 11.43 10.34 -19.22
N SER A 121 11.40 11.62 -19.55
CA SER A 121 11.33 12.67 -18.55
C SER A 121 10.07 12.53 -17.67
N ALA A 122 8.92 12.26 -18.29
CA ALA A 122 7.66 12.16 -17.57
C ALA A 122 7.62 10.94 -16.66
N VAL A 123 8.11 9.81 -17.17
CA VAL A 123 8.23 8.62 -16.37
C VAL A 123 9.11 8.86 -15.14
N LEU A 124 10.27 9.48 -15.34
CA LEU A 124 11.13 9.74 -14.18
C LEU A 124 10.49 10.73 -13.21
N GLN A 125 9.75 11.71 -13.72
CA GLN A 125 9.21 12.71 -12.82
C GLN A 125 8.01 12.19 -12.06
N ARG A 126 7.30 11.25 -12.69
CA ARG A 126 6.15 10.62 -12.07
C ARG A 126 6.66 9.83 -10.87
N GLY A 127 7.68 9.01 -11.10
CA GLY A 127 8.29 8.24 -10.03
C GLY A 127 8.65 9.11 -8.84
N ILE A 128 9.13 10.32 -9.13
CA ILE A 128 9.48 11.25 -8.05
C ILE A 128 8.24 11.83 -7.37
N GLN A 129 7.26 12.25 -8.16
CA GLN A 129 5.98 12.67 -7.63
C GLN A 129 5.40 11.59 -6.71
N ASN A 130 5.42 10.34 -7.16
CA ASN A 130 4.83 9.24 -6.41
C ASN A 130 5.65 8.82 -5.19
N GLN A 131 6.81 9.43 -5.00
CA GLN A 131 7.69 9.11 -3.86
C GLN A 131 8.28 7.70 -3.89
N ALA A 132 8.59 7.21 -5.09
CA ALA A 132 9.14 5.88 -5.26
C ALA A 132 10.48 5.77 -4.50
N GLU A 133 10.74 4.63 -3.85
CA GLU A 133 11.98 4.46 -3.09
C GLU A 133 12.91 3.43 -3.74
N PRO A 134 14.22 3.61 -3.58
CA PRO A 134 14.94 4.67 -2.87
C PRO A 134 14.84 6.05 -3.52
N ARG A 135 14.39 7.04 -2.74
CA ARG A 135 14.10 8.37 -3.27
C ARG A 135 15.29 8.99 -3.98
N GLU A 136 16.43 8.98 -3.31
CA GLU A 136 17.62 9.71 -3.73
C GLU A 136 18.18 9.10 -5.01
N PHE A 137 18.13 7.78 -5.07
CA PHE A 137 18.58 7.01 -6.22
C PHE A 137 17.81 7.47 -7.46
N LEU A 138 16.48 7.53 -7.36
CA LEU A 138 15.67 8.06 -8.45
C LEU A 138 15.99 9.54 -8.74
N GLN A 139 16.26 10.31 -7.72
CA GLN A 139 16.51 11.73 -7.97
C GLN A 139 17.85 11.91 -8.68
N GLN A 140 18.78 11.02 -8.37
CA GLN A 140 20.09 11.07 -8.96
C GLN A 140 20.02 10.72 -10.44
N GLN A 141 19.37 9.62 -10.78
CA GLN A 141 19.22 9.24 -12.16
C GLN A 141 18.48 10.32 -12.93
N TYR A 142 17.47 10.92 -12.33
CA TYR A 142 16.76 11.99 -13.01
C TYR A 142 17.68 13.17 -13.32
N ARG A 143 18.60 13.47 -12.40
CA ARG A 143 19.60 14.50 -12.67
C ARG A 143 20.53 14.15 -13.84
N LEU A 144 21.01 12.90 -13.85
CA LEU A 144 21.84 12.41 -14.94
C LEU A 144 21.09 12.58 -16.25
N PHE A 145 19.87 12.07 -16.30
CA PHE A 145 19.02 12.28 -17.46
C PHE A 145 19.01 13.75 -17.91
N GLN A 146 18.83 14.68 -16.99
CA GLN A 146 18.75 16.11 -17.31
C GLN A 146 20.00 16.71 -17.98
N THR A 147 21.18 16.17 -17.69
CA THR A 147 22.39 16.74 -18.26
C THR A 147 22.35 16.65 -19.80
N ARG A 148 21.52 15.74 -20.30
CA ARG A 148 21.35 15.55 -21.73
C ARG A 148 20.41 16.56 -22.42
N LEU A 149 20.09 17.66 -21.74
CA LEU A 149 19.16 18.65 -22.26
C LEU A 149 19.87 20.00 -22.48
N ASP B 4 8.82 3.75 22.23
CA ASP B 4 8.49 5.06 21.65
C ASP B 4 9.66 6.06 21.75
N THR B 5 10.85 5.49 21.86
CA THR B 5 12.11 6.22 21.66
C THR B 5 12.92 5.38 20.67
N PRO B 6 13.64 6.03 19.72
CA PRO B 6 14.39 5.30 18.69
C PRO B 6 15.14 4.07 19.21
N GLU B 7 15.46 4.04 20.50
CA GLU B 7 16.18 2.91 21.08
C GLU B 7 15.25 1.77 21.51
N ASN B 8 14.04 2.12 21.93
CA ASN B 8 13.12 1.14 22.53
C ASN B 8 12.26 0.41 21.51
N VAL B 9 11.86 1.14 20.48
CA VAL B 9 10.99 0.60 19.45
C VAL B 9 11.65 -0.59 18.72
N LEU B 10 12.89 -0.41 18.27
CA LEU B 10 13.59 -1.50 17.60
C LEU B 10 13.65 -2.72 18.53
N GLN B 11 13.98 -2.46 19.80
CA GLN B 11 14.04 -3.51 20.82
C GLN B 11 12.79 -4.40 20.81
N MET B 12 11.62 -3.78 20.69
CA MET B 12 10.40 -4.53 20.52
C MET B 12 10.65 -5.58 19.43
N LEU B 13 11.20 -5.14 18.31
CA LEU B 13 11.48 -6.03 17.17
C LEU B 13 12.50 -7.11 17.50
N GLU B 14 13.59 -6.71 18.16
CA GLU B 14 14.63 -7.64 18.56
C GLU B 14 14.04 -8.70 19.48
N ALA B 15 13.10 -8.28 20.32
CA ALA B 15 12.41 -9.18 21.24
C ALA B 15 11.41 -10.08 20.51
N HIS B 16 10.59 -9.48 19.65
CA HIS B 16 9.72 -10.25 18.78
C HIS B 16 10.61 -11.14 17.92
N MET B 17 11.83 -10.66 17.66
CA MET B 17 12.79 -11.44 16.89
C MET B 17 13.25 -12.62 17.72
N GLN B 18 13.49 -12.37 19.00
CA GLN B 18 13.79 -13.44 19.95
C GLN B 18 12.59 -14.37 20.03
N SER B 19 11.39 -13.80 19.92
CA SER B 19 10.15 -14.57 19.95
C SER B 19 9.85 -15.21 18.58
N TYR B 20 10.40 -14.64 17.51
CA TYR B 20 10.20 -15.19 16.19
C TYR B 20 10.94 -16.51 15.97
N LYS B 21 10.18 -17.54 15.63
CA LYS B 21 10.76 -18.76 15.08
C LYS B 21 10.25 -18.89 13.65
N GLY B 22 10.88 -19.78 12.88
CA GLY B 22 10.57 -19.86 11.47
C GLY B 22 11.74 -19.46 10.60
N ASN B 23 11.50 -19.30 9.31
CA ASN B 23 12.58 -19.20 8.34
C ASN B 23 13.02 -17.82 7.87
N ASP B 24 12.10 -16.86 7.82
CA ASP B 24 12.45 -15.57 7.26
C ASP B 24 12.39 -14.38 8.22
N PRO B 25 13.45 -14.22 9.01
CA PRO B 25 13.63 -13.06 9.88
C PRO B 25 13.55 -11.75 9.09
N LEU B 26 14.19 -11.70 7.93
CA LEU B 26 14.19 -10.49 7.13
C LEU B 26 12.77 -10.00 6.88
N GLY B 27 11.84 -10.92 6.80
CA GLY B 27 10.45 -10.59 6.55
C GLY B 27 9.86 -9.74 7.64
N GLU B 28 10.13 -10.11 8.89
CA GLU B 28 9.62 -9.35 10.04
C GLU B 28 10.16 -7.94 10.01
N TRP B 29 11.47 -7.82 10.00
CA TRP B 29 12.14 -6.54 9.90
C TRP B 29 11.50 -5.65 8.86
N GLU B 30 11.12 -6.25 7.74
CA GLU B 30 10.44 -5.51 6.68
C GLU B 30 9.07 -4.93 7.11
N ARG B 31 8.21 -5.77 7.71
CA ARG B 31 6.93 -5.30 8.23
C ARG B 31 7.21 -4.13 9.12
N TYR B 32 8.22 -4.30 9.97
CA TYR B 32 8.50 -3.36 11.01
C TYR B 32 9.00 -2.04 10.42
N ILE B 33 10.02 -2.12 9.56
CA ILE B 33 10.59 -0.94 8.94
C ILE B 33 9.55 -0.20 8.11
N GLN B 34 8.75 -0.95 7.37
CA GLN B 34 7.67 -0.40 6.56
C GLN B 34 6.71 0.35 7.47
N TRP B 35 6.37 -0.28 8.58
CA TRP B 35 5.51 0.37 9.57
C TRP B 35 6.08 1.72 9.99
N VAL B 36 7.16 1.72 10.77
CA VAL B 36 7.82 2.97 11.18
C VAL B 36 8.09 3.89 10.00
N GLU B 37 8.20 3.31 8.81
CA GLU B 37 8.45 4.06 7.60
C GLU B 37 7.25 4.93 7.27
N GLU B 38 6.05 4.41 7.54
CA GLU B 38 4.85 5.18 7.28
C GLU B 38 4.55 6.19 8.38
N ASN B 39 4.45 5.70 9.61
CA ASN B 39 3.92 6.47 10.74
C ASN B 39 4.89 7.50 11.31
N PHE B 40 6.17 7.37 10.98
CA PHE B 40 7.17 8.22 11.61
C PHE B 40 8.21 8.81 10.68
N PRO B 41 7.75 9.56 9.66
CA PRO B 41 8.67 10.37 8.87
C PRO B 41 9.16 11.50 9.77
N GLU B 42 8.32 11.84 10.75
CA GLU B 42 8.62 12.83 11.77
C GLU B 42 10.12 13.00 11.95
N ASN B 43 10.82 11.89 12.18
CA ASN B 43 12.27 11.93 12.30
C ASN B 43 12.96 10.69 11.73
N LYS B 44 14.07 10.92 11.06
CA LYS B 44 14.80 9.86 10.38
C LYS B 44 15.63 9.00 11.32
N GLU B 45 15.94 9.55 12.50
CA GLU B 45 16.74 8.81 13.47
C GLU B 45 16.23 7.40 13.73
N TYR B 46 14.93 7.24 13.96
CA TYR B 46 14.38 5.91 14.12
C TYR B 46 14.86 5.04 12.99
N LEU B 47 14.57 5.49 11.77
CA LEU B 47 14.86 4.73 10.57
C LEU B 47 16.34 4.35 10.50
N ILE B 48 17.20 5.36 10.58
CA ILE B 48 18.64 5.16 10.52
C ILE B 48 19.12 4.09 11.51
N THR B 49 18.78 4.27 12.79
CA THR B 49 19.00 3.29 13.84
C THR B 49 18.56 1.91 13.40
N LEU B 50 17.31 1.86 12.94
CA LEU B 50 16.69 0.64 12.50
C LEU B 50 17.48 -0.02 11.36
N LEU B 51 17.90 0.81 10.41
CA LEU B 51 18.69 0.36 9.27
C LEU B 51 20.07 -0.14 9.68
N GLU B 52 20.69 0.53 10.66
CA GLU B 52 22.01 0.10 11.14
C GLU B 52 21.94 -1.23 11.81
N HIS B 53 20.88 -1.45 12.58
CA HIS B 53 20.73 -2.70 13.28
C HIS B 53 20.37 -3.79 12.30
N LEU B 54 19.67 -3.39 11.24
CA LEU B 54 19.41 -4.29 10.12
C LEU B 54 20.70 -4.73 9.40
N MET B 55 21.61 -3.78 9.15
CA MET B 55 22.93 -4.11 8.59
C MET B 55 23.68 -5.09 9.48
N LYS B 56 23.72 -4.80 10.78
CA LYS B 56 24.41 -5.71 11.71
C LYS B 56 23.74 -7.06 11.76
N GLU B 57 22.41 -7.05 11.83
CA GLU B 57 21.71 -8.30 11.94
C GLU B 57 22.01 -9.21 10.76
N PHE B 58 21.92 -8.69 9.54
CA PHE B 58 21.89 -9.56 8.35
C PHE B 58 23.15 -9.60 7.50
N LEU B 59 24.08 -8.71 7.80
CA LEU B 59 25.27 -8.54 6.98
C LEU B 59 26.14 -9.77 6.77
N ASP B 60 26.24 -10.63 7.77
CA ASP B 60 27.01 -11.86 7.64
C ASP B 60 26.12 -13.08 7.34
N LYS B 61 24.84 -12.84 7.05
CA LYS B 61 23.93 -13.93 6.69
C LYS B 61 23.87 -14.14 5.19
N LYS B 62 24.67 -15.06 4.69
CA LYS B 62 24.75 -15.32 3.26
C LYS B 62 23.38 -15.59 2.60
N LYS B 63 22.38 -16.01 3.39
CA LYS B 63 21.08 -16.29 2.79
C LYS B 63 20.56 -15.05 2.08
N TYR B 64 20.83 -13.88 2.68
CA TYR B 64 20.27 -12.64 2.20
C TYR B 64 21.23 -11.77 1.39
N HIS B 65 22.38 -12.31 1.04
CA HIS B 65 23.40 -11.51 0.36
C HIS B 65 22.97 -11.00 -1.01
N ASN B 66 21.97 -11.65 -1.58
CA ASN B 66 21.44 -11.21 -2.84
C ASN B 66 19.93 -11.15 -2.80
N ASP B 67 19.39 -11.06 -1.60
CA ASP B 67 17.96 -10.86 -1.42
C ASP B 67 17.62 -9.41 -1.73
N PRO B 68 16.72 -9.19 -2.72
CA PRO B 68 16.39 -7.85 -3.21
C PRO B 68 15.81 -7.00 -2.10
N ARG B 69 15.10 -7.66 -1.17
CA ARG B 69 14.61 -7.00 0.03
C ARG B 69 15.78 -6.35 0.79
N PHE B 70 16.79 -7.15 1.09
CA PHE B 70 17.97 -6.65 1.78
C PHE B 70 18.75 -5.58 1.00
N ILE B 71 19.04 -5.86 -0.28
CA ILE B 71 19.74 -4.90 -1.12
C ILE B 71 18.99 -3.56 -1.11
N SER B 72 17.69 -3.63 -1.36
CA SER B 72 16.86 -2.43 -1.34
C SER B 72 17.08 -1.62 -0.07
N TYR B 73 17.13 -2.27 1.09
CA TYR B 73 17.45 -1.56 2.33
C TYR B 73 18.88 -1.01 2.39
N CYS B 74 19.84 -1.73 1.79
CA CYS B 74 21.22 -1.22 1.68
C CYS B 74 21.26 0.05 0.84
N LEU B 75 20.44 0.07 -0.21
CA LEU B 75 20.29 1.24 -1.04
C LEU B 75 19.71 2.40 -0.23
N LYS B 76 18.71 2.11 0.61
CA LYS B 76 18.14 3.15 1.50
C LYS B 76 19.14 3.71 2.50
N PHE B 77 19.80 2.80 3.21
CA PHE B 77 20.79 3.17 4.23
C PHE B 77 21.89 4.01 3.61
N ALA B 78 22.24 3.67 2.38
CA ALA B 78 23.26 4.39 1.63
C ALA B 78 22.97 5.89 1.56
N GLU B 79 21.71 6.26 1.42
CA GLU B 79 21.36 7.68 1.34
C GLU B 79 21.74 8.46 2.61
N TYR B 80 21.89 7.73 3.72
CA TYR B 80 22.24 8.33 5.00
C TYR B 80 23.74 8.31 5.33
N ASN B 81 24.53 7.66 4.47
CA ASN B 81 25.96 7.54 4.70
C ASN B 81 26.77 8.73 4.19
N SER B 82 27.79 9.09 4.93
CA SER B 82 28.70 10.16 4.55
C SER B 82 29.54 9.80 3.32
N ASP B 83 29.87 8.53 3.16
CA ASP B 83 30.73 8.03 2.11
C ASP B 83 30.09 6.84 1.38
N LEU B 84 29.21 7.11 0.42
CA LEU B 84 28.55 6.02 -0.31
C LEU B 84 29.51 5.03 -0.94
N HIS B 85 30.57 5.56 -1.55
CA HIS B 85 31.48 4.70 -2.27
C HIS B 85 32.10 3.67 -1.31
N GLN B 86 32.56 4.16 -0.17
CA GLN B 86 33.10 3.29 0.87
C GLN B 86 32.06 2.26 1.29
N PHE B 87 30.85 2.70 1.60
CA PHE B 87 29.83 1.76 1.99
C PHE B 87 29.57 0.65 0.93
N PHE B 88 29.42 1.03 -0.34
CA PHE B 88 29.23 0.03 -1.41
C PHE B 88 30.44 -0.87 -1.64
N GLU B 89 31.64 -0.29 -1.71
CA GLU B 89 32.86 -1.10 -1.76
C GLU B 89 32.87 -2.15 -0.66
N PHE B 90 32.51 -1.74 0.55
CA PHE B 90 32.38 -2.68 1.65
C PHE B 90 31.38 -3.81 1.34
N LEU B 91 30.17 -3.45 0.92
CA LEU B 91 29.18 -4.45 0.55
C LEU B 91 29.73 -5.38 -0.52
N TYR B 92 30.26 -4.80 -1.59
CA TYR B 92 30.76 -5.60 -2.69
C TYR B 92 31.79 -6.63 -2.24
N ASN B 93 32.74 -6.19 -1.42
CA ASN B 93 33.81 -7.06 -0.96
C ASN B 93 33.34 -8.11 0.02
N HIS B 94 32.13 -7.91 0.56
CA HIS B 94 31.59 -8.89 1.49
C HIS B 94 30.50 -9.81 0.89
N GLY B 95 30.35 -9.75 -0.44
CA GLY B 95 29.50 -10.68 -1.15
C GLY B 95 28.08 -10.20 -1.29
N ILE B 96 27.82 -9.00 -0.80
CA ILE B 96 26.47 -8.48 -0.74
C ILE B 96 26.16 -7.69 -1.99
N GLY B 97 25.09 -8.08 -2.68
CA GLY B 97 24.63 -7.37 -3.87
C GLY B 97 25.40 -7.61 -5.14
N THR B 98 26.40 -8.48 -5.09
CA THR B 98 27.29 -8.74 -6.21
C THR B 98 26.55 -9.19 -7.48
N LEU B 99 25.34 -9.73 -7.32
CA LEU B 99 24.47 -10.13 -8.43
C LEU B 99 23.30 -9.18 -8.66
N SER B 100 23.38 -7.98 -8.11
CA SER B 100 22.24 -7.07 -8.14
C SER B 100 22.44 -5.86 -9.05
N SER B 101 21.71 -5.80 -10.16
CA SER B 101 21.85 -4.66 -11.06
C SER B 101 21.55 -3.30 -10.39
N PRO B 102 20.51 -3.24 -9.53
CA PRO B 102 20.20 -1.97 -8.86
C PRO B 102 21.36 -1.39 -8.07
N LEU B 103 22.09 -2.25 -7.37
CA LEU B 103 23.28 -1.82 -6.63
C LEU B 103 24.31 -1.14 -7.55
N TYR B 104 24.77 -1.85 -8.57
CA TYR B 104 25.71 -1.28 -9.54
C TYR B 104 25.21 0.00 -10.12
N ILE B 105 23.93 0.03 -10.50
CA ILE B 105 23.38 1.23 -11.11
C ILE B 105 23.45 2.42 -10.15
N ALA B 106 22.95 2.24 -8.92
CA ALA B 106 22.96 3.29 -7.91
C ALA B 106 24.38 3.70 -7.56
N TRP B 107 25.20 2.69 -7.33
CA TRP B 107 26.61 2.89 -7.06
C TRP B 107 27.30 3.76 -8.14
N ALA B 108 27.35 3.27 -9.38
CA ALA B 108 27.96 4.04 -10.49
C ALA B 108 27.32 5.40 -10.70
N GLY B 109 26.01 5.50 -10.48
CA GLY B 109 25.30 6.76 -10.65
C GLY B 109 25.82 7.81 -9.67
N HIS B 110 25.98 7.40 -8.42
CA HIS B 110 26.60 8.27 -7.44
C HIS B 110 28.04 8.67 -7.85
N LEU B 111 28.87 7.69 -8.17
CA LEU B 111 30.19 7.98 -8.74
C LEU B 111 30.16 9.00 -9.89
N GLU B 112 29.31 8.76 -10.89
CA GLU B 112 29.16 9.69 -12.01
C GLU B 112 28.80 11.10 -11.53
N ALA B 113 27.80 11.20 -10.67
CA ALA B 113 27.40 12.50 -10.15
C ALA B 113 28.57 13.28 -9.51
N GLN B 114 29.51 12.57 -8.90
CA GLN B 114 30.67 13.18 -8.24
C GLN B 114 31.60 13.72 -9.27
N GLY B 115 31.58 13.10 -10.44
CA GLY B 115 32.55 13.40 -11.48
C GLY B 115 33.54 12.27 -11.59
N GLU B 116 33.32 11.21 -10.82
CA GLU B 116 34.18 10.04 -10.80
C GLU B 116 33.96 9.10 -12.00
N LEU B 117 34.07 9.66 -13.20
CA LEU B 117 33.73 8.94 -14.41
C LEU B 117 34.42 7.61 -14.54
N GLN B 118 35.71 7.58 -14.22
CA GLN B 118 36.51 6.39 -14.41
C GLN B 118 36.01 5.24 -13.55
N HIS B 119 35.79 5.52 -12.27
CA HIS B 119 35.22 4.57 -11.31
C HIS B 119 33.81 4.13 -11.67
N ALA B 120 32.96 5.10 -12.00
CA ALA B 120 31.64 4.81 -12.55
C ALA B 120 31.71 3.71 -13.60
N SER B 121 32.67 3.85 -14.52
CA SER B 121 32.85 2.92 -15.62
C SER B 121 33.30 1.57 -15.06
N ALA B 122 34.23 1.62 -14.12
CA ALA B 122 34.72 0.39 -13.52
C ALA B 122 33.60 -0.39 -12.81
N VAL B 123 32.69 0.32 -12.17
CA VAL B 123 31.60 -0.32 -11.44
C VAL B 123 30.59 -0.91 -12.40
N LEU B 124 30.20 -0.14 -13.42
CA LEU B 124 29.25 -0.70 -14.37
C LEU B 124 29.84 -1.95 -15.01
N GLN B 125 31.09 -1.88 -15.40
CA GLN B 125 31.73 -2.98 -16.07
C GLN B 125 31.84 -4.18 -15.18
N ARG B 126 32.16 -3.94 -13.91
CA ARG B 126 32.26 -5.02 -12.94
C ARG B 126 30.93 -5.77 -12.83
N GLY B 127 29.83 -5.01 -12.74
CA GLY B 127 28.51 -5.60 -12.65
C GLY B 127 28.19 -6.44 -13.86
N ILE B 128 28.48 -5.91 -15.04
CA ILE B 128 28.19 -6.60 -16.28
C ILE B 128 28.94 -7.93 -16.31
N GLN B 129 30.15 -7.92 -15.77
CA GLN B 129 31.04 -9.06 -15.77
C GLN B 129 30.70 -10.07 -14.68
N ASN B 130 30.25 -9.59 -13.53
CA ASN B 130 29.65 -10.49 -12.52
C ASN B 130 28.32 -11.10 -12.97
N GLN B 131 27.74 -10.57 -14.05
CA GLN B 131 26.46 -11.04 -14.52
C GLN B 131 25.28 -10.68 -13.60
N ALA B 132 25.30 -9.46 -13.07
CA ALA B 132 24.22 -8.95 -12.24
C ALA B 132 22.86 -9.08 -12.94
N GLU B 133 21.80 -9.23 -12.16
CA GLU B 133 20.43 -9.21 -12.69
C GLU B 133 19.56 -8.09 -12.11
N PRO B 134 18.60 -7.60 -12.90
CA PRO B 134 18.30 -7.99 -14.28
C PRO B 134 19.39 -7.62 -15.28
N ARG B 135 19.92 -8.60 -16.01
CA ARG B 135 20.98 -8.41 -16.99
C ARG B 135 20.75 -7.27 -17.95
N GLU B 136 19.63 -7.28 -18.64
CA GLU B 136 19.36 -6.28 -19.66
C GLU B 136 19.22 -4.88 -19.06
N PHE B 137 18.59 -4.78 -17.90
CA PHE B 137 18.45 -3.50 -17.21
C PHE B 137 19.82 -2.85 -17.07
N LEU B 138 20.78 -3.64 -16.59
CA LEU B 138 22.11 -3.17 -16.36
C LEU B 138 22.76 -2.73 -17.66
N GLN B 139 22.59 -3.55 -18.69
CA GLN B 139 23.20 -3.28 -20.00
C GLN B 139 22.68 -1.96 -20.58
N GLN B 140 21.38 -1.77 -20.48
CA GLN B 140 20.74 -0.58 -20.94
C GLN B 140 21.31 0.66 -20.25
N GLN B 141 21.48 0.55 -18.94
CA GLN B 141 21.96 1.66 -18.13
C GLN B 141 23.45 1.94 -18.37
N TYR B 142 24.21 0.88 -18.66
CA TYR B 142 25.60 1.01 -19.02
C TYR B 142 25.69 1.74 -20.34
N ARG B 143 24.83 1.32 -21.27
CA ARG B 143 24.71 1.91 -22.60
C ARG B 143 24.51 3.42 -22.48
N LEU B 144 23.56 3.85 -21.66
CA LEU B 144 23.26 5.27 -21.45
C LEU B 144 24.43 6.01 -20.85
N PHE B 145 25.25 5.30 -20.09
CA PHE B 145 26.46 5.92 -19.52
C PHE B 145 27.51 6.16 -20.61
N GLN B 146 27.70 5.16 -21.47
CA GLN B 146 28.53 5.35 -22.64
C GLN B 146 28.11 6.58 -23.44
N THR B 147 26.80 6.73 -23.67
CA THR B 147 26.35 7.83 -24.48
C THR B 147 26.47 9.21 -23.78
N ARG B 148 26.36 9.25 -22.45
CA ARG B 148 26.65 10.51 -21.77
C ARG B 148 28.15 10.87 -21.87
N LEU B 149 28.99 9.84 -21.85
CA LEU B 149 30.42 10.00 -21.95
C LEU B 149 30.78 10.65 -23.29
N THR B 150 30.00 10.36 -24.33
CA THR B 150 30.25 10.97 -25.63
C THR B 150 29.72 12.39 -25.70
N GLU B 151 28.76 12.72 -24.82
CA GLU B 151 28.14 14.04 -24.82
C GLU B 151 29.11 15.06 -24.23
N THR B 152 28.89 16.33 -24.57
CA THR B 152 29.81 17.37 -24.18
C THR B 152 29.56 17.92 -22.76
N ASP C 4 5.25 -9.84 26.33
CA ASP C 4 4.59 -8.70 26.96
C ASP C 4 3.19 -9.14 27.42
N THR C 5 2.25 -8.20 27.48
CA THR C 5 0.86 -8.55 27.82
C THR C 5 -0.12 -7.45 27.42
N PRO C 6 -1.40 -7.82 27.22
CA PRO C 6 -2.41 -6.82 26.86
C PRO C 6 -2.30 -5.52 27.67
N GLU C 7 -2.09 -5.62 28.98
CA GLU C 7 -2.00 -4.40 29.80
C GLU C 7 -0.63 -3.74 29.66
N ASN C 8 0.41 -4.54 29.49
CA ASN C 8 1.75 -4.00 29.28
C ASN C 8 1.80 -3.18 27.99
N VAL C 9 1.22 -3.76 26.95
CA VAL C 9 1.10 -3.13 25.64
C VAL C 9 0.24 -1.87 25.71
N LEU C 10 -0.93 -2.01 26.35
CA LEU C 10 -1.86 -0.89 26.51
C LEU C 10 -1.31 0.20 27.41
N GLN C 11 -0.82 -0.20 28.58
CA GLN C 11 -0.22 0.72 29.54
C GLN C 11 0.91 1.52 28.89
N MET C 12 1.75 0.82 28.13
CA MET C 12 2.82 1.44 27.37
C MET C 12 2.33 2.57 26.45
N LEU C 13 1.32 2.29 25.64
CA LEU C 13 0.82 3.29 24.71
C LEU C 13 -0.03 4.35 25.41
N GLU C 14 -0.85 3.89 26.33
CA GLU C 14 -1.63 4.77 27.20
C GLU C 14 -0.68 5.77 27.83
N ALA C 15 0.50 5.27 28.19
CA ALA C 15 1.59 6.10 28.72
C ALA C 15 2.08 7.14 27.72
N HIS C 16 2.62 6.67 26.60
CA HIS C 16 3.08 7.54 25.52
C HIS C 16 2.14 8.72 25.30
N MET C 17 0.84 8.42 25.39
CA MET C 17 -0.19 9.35 24.96
C MET C 17 -0.20 10.63 25.77
N GLN C 18 0.04 10.52 27.07
CA GLN C 18 0.02 11.67 27.95
C GLN C 18 1.02 12.75 27.56
N SER C 19 2.14 12.35 26.97
CA SER C 19 3.09 13.32 26.46
C SER C 19 2.46 14.14 25.33
N TYR C 20 1.66 13.48 24.49
CA TYR C 20 1.05 14.08 23.31
C TYR C 20 0.36 15.43 23.60
N LYS C 21 0.44 16.34 22.63
CA LYS C 21 -0.02 17.72 22.83
C LYS C 21 -1.23 18.13 21.97
N GLY C 22 -2.40 18.13 22.59
CA GLY C 22 -3.65 18.54 21.95
C GLY C 22 -3.92 17.87 20.62
N ASN C 23 -4.44 18.64 19.65
CA ASN C 23 -4.48 18.22 18.24
C ASN C 23 -5.42 17.05 17.88
N ASP C 24 -4.83 15.94 17.42
CA ASP C 24 -5.59 14.82 16.89
C ASP C 24 -5.22 13.53 17.61
N PRO C 25 -5.63 13.42 18.87
CA PRO C 25 -5.28 12.23 19.66
C PRO C 25 -5.59 10.97 18.89
N LEU C 26 -6.74 10.93 18.23
CA LEU C 26 -7.18 9.72 17.56
C LEU C 26 -6.14 9.30 16.56
N GLY C 27 -5.64 10.27 15.80
CA GLY C 27 -4.58 10.00 14.84
C GLY C 27 -3.46 9.20 15.47
N GLU C 28 -3.09 9.60 16.69
CA GLU C 28 -2.00 8.94 17.42
C GLU C 28 -2.21 7.45 17.62
N TRP C 29 -3.38 7.05 18.08
CA TRP C 29 -3.64 5.66 18.36
C TRP C 29 -3.45 4.78 17.13
N GLU C 30 -3.78 5.36 15.96
CA GLU C 30 -3.89 4.59 14.73
C GLU C 30 -2.60 3.85 14.43
N ARG C 31 -1.49 4.59 14.49
CA ARG C 31 -0.16 4.03 14.30
C ARG C 31 -0.03 2.73 15.09
N TYR C 32 -0.36 2.79 16.38
CA TYR C 32 -0.15 1.70 17.32
C TYR C 32 -1.12 0.50 17.22
N ILE C 33 -2.40 0.79 17.01
CA ILE C 33 -3.36 -0.28 16.74
C ILE C 33 -2.90 -1.11 15.54
N GLN C 34 -2.38 -0.43 14.52
CA GLN C 34 -1.82 -1.08 13.34
C GLN C 34 -0.64 -1.97 13.70
N TRP C 35 0.19 -1.48 14.61
CA TRP C 35 1.28 -2.29 15.09
C TRP C 35 0.74 -3.60 15.62
N VAL C 36 -0.17 -3.50 16.59
CA VAL C 36 -0.75 -4.68 17.24
C VAL C 36 -1.50 -5.57 16.25
N GLU C 37 -2.18 -4.95 15.29
CA GLU C 37 -2.97 -5.68 14.30
C GLU C 37 -2.14 -6.65 13.48
N GLU C 38 -0.91 -6.26 13.13
CA GLU C 38 -0.08 -7.10 12.28
C GLU C 38 0.98 -7.88 13.05
N ASN C 39 1.08 -7.63 14.36
CA ASN C 39 2.08 -8.29 15.18
C ASN C 39 1.55 -9.32 16.16
N PHE C 40 0.22 -9.41 16.27
CA PHE C 40 -0.37 -10.34 17.22
C PHE C 40 -1.64 -11.00 16.71
N PRO C 41 -1.61 -11.49 15.45
CA PRO C 41 -2.79 -12.22 14.97
C PRO C 41 -3.03 -13.44 15.86
N GLU C 42 -1.93 -14.06 16.30
CA GLU C 42 -1.98 -15.17 17.24
C GLU C 42 -3.04 -14.93 18.33
N ASN C 43 -2.86 -13.87 19.09
CA ASN C 43 -3.77 -13.56 20.17
C ASN C 43 -4.49 -12.23 19.99
N LYS C 44 -5.76 -12.31 19.65
CA LYS C 44 -6.59 -11.12 19.46
C LYS C 44 -6.91 -10.40 20.77
N GLU C 45 -6.53 -10.99 21.90
CA GLU C 45 -6.76 -10.32 23.19
C GLU C 45 -6.14 -8.93 23.16
N TYR C 46 -5.06 -8.80 22.41
CA TYR C 46 -4.28 -7.57 22.37
C TYR C 46 -5.08 -6.45 21.71
N LEU C 47 -5.64 -6.73 20.55
CA LEU C 47 -6.41 -5.75 19.81
C LEU C 47 -7.68 -5.35 20.57
N ILE C 48 -8.37 -6.36 21.10
CA ILE C 48 -9.59 -6.12 21.87
C ILE C 48 -9.33 -5.16 23.02
N THR C 49 -8.22 -5.35 23.71
CA THR C 49 -7.88 -4.48 24.84
C THR C 49 -7.82 -3.00 24.44
N LEU C 50 -7.05 -2.67 23.39
CA LEU C 50 -6.94 -1.28 22.98
C LEU C 50 -8.20 -0.78 22.32
N LEU C 51 -8.90 -1.67 21.61
CA LEU C 51 -10.17 -1.29 21.05
C LEU C 51 -11.14 -0.84 22.15
N GLU C 52 -11.27 -1.62 23.22
CA GLU C 52 -12.10 -1.15 24.34
C GLU C 52 -11.65 0.18 24.92
N HIS C 53 -10.35 0.41 25.00
CA HIS C 53 -9.88 1.65 25.61
C HIS C 53 -10.04 2.81 24.67
N LEU C 54 -9.86 2.52 23.39
CA LEU C 54 -10.17 3.46 22.33
C LEU C 54 -11.62 3.91 22.44
N MET C 55 -12.51 2.93 22.49
CA MET C 55 -13.92 3.20 22.78
C MET C 55 -14.11 4.09 24.00
N LYS C 56 -13.50 3.72 25.13
CA LYS C 56 -13.75 4.44 26.38
C LYS C 56 -13.17 5.83 26.28
N GLU C 57 -12.08 5.94 25.55
CA GLU C 57 -11.40 7.22 25.43
C GLU C 57 -12.17 8.23 24.58
N PHE C 58 -12.84 7.77 23.53
CA PHE C 58 -13.35 8.73 22.55
C PHE C 58 -14.86 8.82 22.37
N LEU C 59 -15.62 7.90 22.97
CA LEU C 59 -17.07 8.00 22.92
C LEU C 59 -17.60 9.37 23.30
N ASP C 60 -17.06 9.91 24.39
CA ASP C 60 -17.43 11.23 24.92
C ASP C 60 -17.15 12.39 23.98
N LYS C 61 -16.28 12.19 23.00
CA LYS C 61 -15.76 13.31 22.25
C LYS C 61 -16.52 13.55 20.94
N LYS C 62 -17.33 14.60 20.92
CA LYS C 62 -18.23 14.88 19.82
C LYS C 62 -17.47 15.08 18.50
N LYS C 63 -16.21 15.49 18.57
CA LYS C 63 -15.49 15.78 17.35
C LYS C 63 -15.35 14.50 16.55
N TYR C 64 -15.22 13.38 17.26
CA TYR C 64 -14.94 12.11 16.61
C TYR C 64 -16.19 11.25 16.30
N HIS C 65 -17.38 11.80 16.53
CA HIS C 65 -18.62 11.03 16.41
C HIS C 65 -18.87 10.51 15.00
N ASN C 66 -18.34 11.21 14.01
CA ASN C 66 -18.51 10.80 12.64
C ASN C 66 -17.20 10.79 11.86
N ASP C 67 -16.10 10.69 12.59
CA ASP C 67 -14.82 10.51 11.98
C ASP C 67 -14.68 9.06 11.51
N PRO C 68 -14.52 8.87 10.18
CA PRO C 68 -14.51 7.53 9.56
C PRO C 68 -13.45 6.60 10.15
N ARG C 69 -12.35 7.14 10.67
CA ARG C 69 -11.37 6.27 11.30
C ARG C 69 -11.88 5.78 12.64
N PHE C 70 -12.66 6.62 13.33
CA PHE C 70 -13.32 6.17 14.55
C PHE C 70 -14.39 5.10 14.26
N ILE C 71 -15.26 5.40 13.31
CA ILE C 71 -16.30 4.46 12.91
C ILE C 71 -15.64 3.12 12.55
N SER C 72 -14.50 3.20 11.90
CA SER C 72 -13.81 2.02 11.41
C SER C 72 -13.39 1.13 12.58
N TYR C 73 -12.92 1.76 13.65
CA TYR C 73 -12.57 1.01 14.86
C TYR C 73 -13.81 0.44 15.55
N CYS C 74 -14.87 1.24 15.61
CA CYS C 74 -16.16 0.76 16.09
C CYS C 74 -16.58 -0.48 15.32
N LEU C 75 -16.44 -0.41 14.01
CA LEU C 75 -16.78 -1.55 13.17
C LEU C 75 -15.88 -2.78 13.42
N LYS C 76 -14.60 -2.55 13.65
CA LYS C 76 -13.71 -3.65 13.99
C LYS C 76 -14.05 -4.23 15.34
N PHE C 77 -14.15 -3.37 16.35
CA PHE C 77 -14.48 -3.81 17.68
C PHE C 77 -15.78 -4.62 17.64
N ALA C 78 -16.78 -4.07 16.94
CA ALA C 78 -18.05 -4.77 16.70
C ALA C 78 -17.92 -6.27 16.44
N GLU C 79 -16.93 -6.67 15.66
CA GLU C 79 -16.80 -8.07 15.31
C GLU C 79 -16.38 -8.89 16.53
N TYR C 80 -15.98 -8.22 17.60
CA TYR C 80 -15.61 -8.94 18.83
C TYR C 80 -16.68 -8.89 19.92
N ASN C 81 -17.88 -8.46 19.56
CA ASN C 81 -19.01 -8.37 20.47
C ASN C 81 -19.95 -9.55 20.33
N SER C 82 -20.49 -10.01 21.44
CA SER C 82 -21.48 -11.08 21.48
C SER C 82 -22.84 -10.64 20.92
N ASP C 83 -23.14 -9.35 21.04
CA ASP C 83 -24.40 -8.78 20.62
C ASP C 83 -24.17 -7.45 19.88
N LEU C 84 -24.04 -7.57 18.57
CA LEU C 84 -23.68 -6.50 17.66
C LEU C 84 -24.77 -5.42 17.61
N HIS C 85 -26.01 -5.87 17.54
CA HIS C 85 -27.14 -4.99 17.46
C HIS C 85 -27.18 -4.07 18.66
N GLN C 86 -26.95 -4.67 19.84
CA GLN C 86 -26.89 -3.89 21.07
C GLN C 86 -25.80 -2.82 21.03
N PHE C 87 -24.59 -3.21 20.64
CA PHE C 87 -23.50 -2.28 20.49
C PHE C 87 -23.84 -1.16 19.50
N PHE C 88 -24.49 -1.51 18.39
CA PHE C 88 -24.86 -0.50 17.40
C PHE C 88 -25.95 0.46 17.84
N GLU C 89 -27.06 -0.09 18.33
CA GLU C 89 -28.07 0.69 19.05
C GLU C 89 -27.37 1.68 19.98
N PHE C 90 -26.45 1.18 20.79
CA PHE C 90 -25.74 2.03 21.72
C PHE C 90 -25.07 3.18 20.98
N LEU C 91 -24.19 2.85 20.03
CA LEU C 91 -23.52 3.82 19.18
C LEU C 91 -24.49 4.83 18.59
N TYR C 92 -25.55 4.32 17.96
CA TYR C 92 -26.49 5.20 17.28
C TYR C 92 -27.13 6.17 18.25
N ASN C 93 -27.51 5.69 19.44
CA ASN C 93 -28.21 6.53 20.39
C ASN C 93 -27.30 7.60 20.95
N HIS C 94 -26.01 7.30 21.08
CA HIS C 94 -25.07 8.24 21.64
C HIS C 94 -24.37 9.11 20.60
N GLY C 95 -24.98 9.23 19.43
CA GLY C 95 -24.54 10.15 18.41
C GLY C 95 -23.47 9.63 17.48
N ILE C 96 -23.00 8.41 17.72
CA ILE C 96 -21.85 7.90 16.99
C ILE C 96 -22.22 7.20 15.71
N GLY C 97 -21.63 7.65 14.62
CA GLY C 97 -21.81 7.06 13.31
C GLY C 97 -23.17 7.29 12.71
N THR C 98 -23.86 8.35 13.11
CA THR C 98 -25.23 8.54 12.65
C THR C 98 -25.25 9.03 11.23
N LEU C 99 -24.08 9.44 10.73
CA LEU C 99 -23.94 9.98 9.39
C LEU C 99 -23.08 9.05 8.55
N SER C 100 -22.77 7.89 9.08
CA SER C 100 -21.83 6.99 8.43
C SER C 100 -22.56 5.87 7.70
N SER C 101 -22.59 5.93 6.38
CA SER C 101 -23.21 4.86 5.59
C SER C 101 -22.64 3.50 5.95
N PRO C 102 -21.30 3.38 6.11
CA PRO C 102 -20.79 2.04 6.40
C PRO C 102 -21.35 1.50 7.72
N LEU C 103 -21.57 2.36 8.71
CA LEU C 103 -22.23 1.88 9.93
C LEU C 103 -23.58 1.23 9.63
N TYR C 104 -24.48 1.98 8.99
CA TYR C 104 -25.81 1.44 8.72
C TYR C 104 -25.75 0.17 7.91
N ILE C 105 -24.80 0.10 6.98
CA ILE C 105 -24.74 -1.03 6.10
C ILE C 105 -24.36 -2.30 6.85
N ALA C 106 -23.34 -2.21 7.68
CA ALA C 106 -22.81 -3.33 8.43
C ALA C 106 -23.81 -3.76 9.50
N TRP C 107 -24.37 -2.78 10.18
CA TRP C 107 -25.43 -3.01 11.13
C TRP C 107 -26.49 -3.89 10.46
N ALA C 108 -27.08 -3.35 9.39
CA ALA C 108 -28.18 -3.98 8.70
C ALA C 108 -27.78 -5.30 8.04
N GLY C 109 -26.52 -5.39 7.64
CA GLY C 109 -26.03 -6.59 6.97
C GLY C 109 -26.04 -7.72 7.98
N HIS C 110 -25.89 -7.33 9.24
CA HIS C 110 -25.80 -8.29 10.31
C HIS C 110 -27.18 -8.79 10.72
N LEU C 111 -28.09 -7.88 11.04
CA LEU C 111 -29.49 -8.27 11.21
C LEU C 111 -30.00 -9.20 10.10
N GLU C 112 -29.79 -8.82 8.85
CA GLU C 112 -30.27 -9.65 7.74
C GLU C 112 -29.65 -11.04 7.83
N ALA C 113 -28.33 -11.09 7.94
CA ALA C 113 -27.57 -12.33 8.05
C ALA C 113 -28.14 -13.33 9.05
N GLN C 114 -28.92 -12.85 10.01
CA GLN C 114 -29.53 -13.74 10.97
C GLN C 114 -31.03 -13.63 10.96
N GLY C 115 -31.57 -13.47 9.75
CA GLY C 115 -33.01 -13.49 9.54
C GLY C 115 -33.79 -12.34 10.11
N GLU C 116 -33.13 -11.35 10.69
CA GLU C 116 -33.89 -10.22 11.25
C GLU C 116 -34.28 -9.17 10.21
N LEU C 117 -35.14 -9.56 9.27
CA LEU C 117 -35.36 -8.75 8.08
C LEU C 117 -35.99 -7.40 8.33
N GLN C 118 -36.95 -7.28 9.25
CA GLN C 118 -37.54 -5.96 9.47
C GLN C 118 -36.67 -4.99 10.27
N HIS C 119 -35.80 -5.53 11.13
CA HIS C 119 -34.75 -4.70 11.70
C HIS C 119 -33.76 -4.20 10.64
N ALA C 120 -33.22 -5.12 9.84
CA ALA C 120 -32.40 -4.74 8.68
C ALA C 120 -33.05 -3.56 7.95
N SER C 121 -34.29 -3.75 7.53
CA SER C 121 -35.06 -2.75 6.83
C SER C 121 -35.07 -1.40 7.55
N ALA C 122 -35.45 -1.45 8.83
CA ALA C 122 -35.56 -0.28 9.67
C ALA C 122 -34.25 0.46 9.77
N VAL C 123 -33.16 -0.31 9.90
CA VAL C 123 -31.86 0.30 10.02
C VAL C 123 -31.47 0.97 8.69
N LEU C 124 -31.57 0.25 7.58
CA LEU C 124 -31.23 0.86 6.30
C LEU C 124 -31.99 2.17 6.12
N GLN C 125 -33.30 2.11 6.36
CA GLN C 125 -34.18 3.24 6.13
C GLN C 125 -33.87 4.41 7.04
N ARG C 126 -33.43 4.11 8.26
CA ARG C 126 -33.07 5.16 9.19
C ARG C 126 -31.86 5.89 8.63
N GLY C 127 -30.87 5.14 8.14
CA GLY C 127 -29.71 5.78 7.56
C GLY C 127 -30.06 6.67 6.37
N ILE C 128 -30.93 6.19 5.51
CA ILE C 128 -31.35 7.00 4.38
C ILE C 128 -32.01 8.28 4.91
N GLN C 129 -32.92 8.15 5.86
CA GLN C 129 -33.55 9.31 6.45
C GLN C 129 -32.58 10.23 7.22
N ASN C 130 -31.55 9.67 7.83
CA ASN C 130 -30.55 10.49 8.51
C ASN C 130 -29.56 11.11 7.52
N GLN C 131 -29.60 10.65 6.27
CA GLN C 131 -28.73 11.19 5.23
C GLN C 131 -27.26 10.85 5.43
N ALA C 132 -27.02 9.69 6.00
CA ALA C 132 -25.70 9.09 6.08
C ALA C 132 -24.94 9.19 4.76
N GLU C 133 -23.63 9.42 4.88
CA GLU C 133 -22.75 9.50 3.72
C GLU C 133 -21.78 8.32 3.69
N PRO C 134 -21.32 7.94 2.48
CA PRO C 134 -21.78 8.43 1.17
C PRO C 134 -23.20 8.00 0.86
N ARG C 135 -24.04 8.92 0.40
CA ARG C 135 -25.47 8.66 0.23
C ARG C 135 -25.82 7.61 -0.80
N GLU C 136 -25.27 7.77 -2.00
CA GLU C 136 -25.52 6.83 -3.07
C GLU C 136 -25.20 5.39 -2.66
N PHE C 137 -24.03 5.19 -2.07
CA PHE C 137 -23.60 3.91 -1.51
C PHE C 137 -24.70 3.24 -0.68
N LEU C 138 -25.27 3.99 0.26
CA LEU C 138 -26.31 3.47 1.12
C LEU C 138 -27.49 3.05 0.26
N GLN C 139 -27.96 3.95 -0.61
CA GLN C 139 -29.12 3.65 -1.42
C GLN C 139 -28.86 2.46 -2.33
N GLN C 140 -27.64 2.32 -2.80
CA GLN C 140 -27.35 1.19 -3.65
C GLN C 140 -27.47 -0.10 -2.82
N GLN C 141 -26.94 -0.05 -1.61
CA GLN C 141 -27.06 -1.15 -0.66
C GLN C 141 -28.52 -1.44 -0.29
N TYR C 142 -29.24 -0.38 0.07
CA TYR C 142 -30.67 -0.47 0.29
C TYR C 142 -31.39 -1.16 -0.87
N ARG C 143 -31.05 -0.76 -2.10
CA ARG C 143 -31.72 -1.31 -3.27
C ARG C 143 -31.46 -2.80 -3.39
N LEU C 144 -30.20 -3.20 -3.19
CA LEU C 144 -29.81 -4.59 -3.22
C LEU C 144 -30.57 -5.44 -2.20
N PHE C 145 -30.80 -4.87 -1.03
CA PHE C 145 -31.55 -5.54 0.02
C PHE C 145 -33.02 -5.69 -0.39
N GLN C 146 -33.61 -4.60 -0.86
CA GLN C 146 -34.93 -4.68 -1.42
C GLN C 146 -35.04 -5.84 -2.41
N THR C 147 -34.06 -5.99 -3.28
CA THR C 147 -34.17 -7.03 -4.30
C THR C 147 -33.95 -8.45 -3.73
N ARG C 148 -33.10 -8.57 -2.73
CA ARG C 148 -33.02 -9.82 -1.97
C ARG C 148 -34.37 -10.17 -1.34
N LEU C 149 -35.04 -9.17 -0.78
CA LEU C 149 -36.36 -9.38 -0.14
C LEU C 149 -37.31 -10.07 -1.11
N THR C 150 -37.18 -9.64 -2.35
CA THR C 150 -37.93 -10.08 -3.49
C THR C 150 -37.58 -11.51 -3.93
N GLU C 151 -36.34 -11.92 -3.71
CA GLU C 151 -35.91 -13.26 -4.10
C GLU C 151 -36.53 -14.21 -3.09
N THR C 152 -36.60 -15.49 -3.42
CA THR C 152 -37.15 -16.48 -2.50
C THR C 152 -36.23 -16.59 -1.30
N MET D 3 -19.14 36.22 -8.39
CA MET D 3 -17.81 35.62 -8.23
C MET D 3 -17.86 34.12 -7.88
N ASP D 4 -16.98 33.33 -8.50
CA ASP D 4 -16.92 31.88 -8.30
C ASP D 4 -16.63 31.50 -6.85
N THR D 5 -17.66 31.11 -6.12
CA THR D 5 -17.47 30.68 -4.73
C THR D 5 -16.48 29.53 -4.60
N PRO D 6 -16.67 28.43 -5.37
CA PRO D 6 -15.76 27.29 -5.26
C PRO D 6 -14.30 27.66 -5.50
N GLU D 7 -14.01 28.39 -6.58
CA GLU D 7 -12.62 28.73 -6.87
C GLU D 7 -12.02 29.55 -5.74
N ASN D 8 -12.84 30.35 -5.10
CA ASN D 8 -12.39 31.18 -4.00
C ASN D 8 -12.04 30.36 -2.78
N VAL D 9 -13.00 29.58 -2.31
CA VAL D 9 -12.81 28.77 -1.12
C VAL D 9 -11.68 27.79 -1.36
N LEU D 10 -11.49 27.46 -2.63
CA LEU D 10 -10.41 26.58 -3.03
C LEU D 10 -9.06 27.27 -2.89
N GLN D 11 -8.99 28.51 -3.38
CA GLN D 11 -7.78 29.29 -3.28
C GLN D 11 -7.43 29.65 -1.83
N MET D 12 -8.44 29.75 -0.97
CA MET D 12 -8.20 29.98 0.46
C MET D 12 -7.53 28.77 1.06
N LEU D 13 -8.05 27.59 0.69
CA LEU D 13 -7.45 26.33 1.14
C LEU D 13 -6.00 26.24 0.70
N GLU D 14 -5.75 26.41 -0.60
CA GLU D 14 -4.39 26.38 -1.14
C GLU D 14 -3.42 27.22 -0.33
N ALA D 15 -3.89 28.38 0.11
CA ALA D 15 -3.03 29.33 0.78
C ALA D 15 -2.92 29.01 2.27
N HIS D 16 -3.96 28.42 2.83
CA HIS D 16 -3.87 27.97 4.22
C HIS D 16 -2.90 26.80 4.35
N MET D 17 -2.92 25.91 3.37
CA MET D 17 -1.96 24.81 3.27
C MET D 17 -0.55 25.33 3.22
N GLN D 18 -0.35 26.39 2.43
CA GLN D 18 0.95 27.01 2.26
C GLN D 18 1.57 27.33 3.62
N SER D 19 0.72 27.54 4.61
CA SER D 19 1.15 27.94 5.95
C SER D 19 1.09 26.81 6.96
N TYR D 20 0.91 25.59 6.47
CA TYR D 20 0.70 24.46 7.35
C TYR D 20 1.98 23.66 7.57
N LYS D 21 2.31 23.46 8.85
CA LYS D 21 3.43 22.60 9.23
C LYS D 21 2.95 21.15 9.27
N GLY D 22 3.42 20.37 8.30
CA GLY D 22 2.86 19.07 7.94
C GLY D 22 2.18 18.20 8.99
N ASN D 23 2.55 16.92 8.97
CA ASN D 23 1.88 15.87 9.73
C ASN D 23 0.69 15.36 8.94
N ASP D 24 -0.48 15.95 9.16
CA ASP D 24 -1.71 15.43 8.59
C ASP D 24 -2.48 16.43 7.71
N PRO D 25 -1.94 16.72 6.52
CA PRO D 25 -2.50 17.61 5.49
C PRO D 25 -3.95 17.28 5.15
N LEU D 26 -4.26 15.99 5.07
CA LEU D 26 -5.61 15.55 4.79
C LEU D 26 -6.60 16.08 5.83
N GLY D 27 -6.19 16.06 7.09
CA GLY D 27 -6.99 16.61 8.18
C GLY D 27 -7.39 18.05 7.98
N GLU D 28 -6.52 18.83 7.32
CA GLU D 28 -6.84 20.23 7.00
C GLU D 28 -7.86 20.35 5.86
N TRP D 29 -7.64 19.63 4.77
CA TRP D 29 -8.63 19.61 3.70
C TRP D 29 -9.99 19.19 4.24
N GLU D 30 -9.97 18.30 5.24
CA GLU D 30 -11.20 17.87 5.91
C GLU D 30 -11.79 19.04 6.65
N ARG D 31 -11.11 19.49 7.72
CA ARG D 31 -11.48 20.71 8.45
C ARG D 31 -12.00 21.80 7.51
N TYR D 32 -11.38 21.95 6.34
CA TYR D 32 -11.83 22.96 5.40
C TYR D 32 -13.14 22.58 4.72
N ILE D 33 -13.20 21.39 4.14
CA ILE D 33 -14.38 20.93 3.39
C ILE D 33 -15.70 21.02 4.16
N GLN D 34 -15.62 20.91 5.49
CA GLN D 34 -16.77 21.11 6.36
C GLN D 34 -17.47 22.42 5.98
N TRP D 35 -16.66 23.46 5.86
CA TRP D 35 -17.16 24.77 5.55
C TRP D 35 -18.10 24.83 4.35
N VAL D 36 -17.73 24.24 3.22
CA VAL D 36 -18.56 24.37 2.01
C VAL D 36 -19.60 23.27 1.75
N GLU D 37 -19.50 22.16 2.48
CA GLU D 37 -20.59 21.18 2.54
C GLU D 37 -21.77 21.81 3.27
N GLU D 38 -21.50 22.26 4.51
CA GLU D 38 -22.46 22.98 5.34
C GLU D 38 -22.31 24.50 5.13
N ASN D 39 -23.05 25.05 4.17
CA ASN D 39 -22.92 26.47 3.80
C ASN D 39 -23.53 26.72 2.41
N PHE D 40 -23.19 25.85 1.47
CA PHE D 40 -23.71 25.96 0.11
C PHE D 40 -24.24 24.62 -0.39
N PRO D 41 -25.21 24.05 0.35
CA PRO D 41 -25.81 22.75 0.03
C PRO D 41 -26.55 22.85 -1.30
N GLU D 42 -26.83 24.08 -1.72
CA GLU D 42 -27.51 24.35 -2.98
C GLU D 42 -26.96 23.49 -4.11
N ASN D 43 -25.70 23.69 -4.44
CA ASN D 43 -25.07 22.84 -5.44
C ASN D 43 -23.87 22.13 -4.88
N LYS D 44 -23.70 20.89 -5.31
CA LYS D 44 -22.52 20.15 -4.96
C LYS D 44 -21.49 20.34 -6.07
N GLU D 45 -21.74 21.32 -6.94
CA GLU D 45 -20.69 21.82 -7.83
C GLU D 45 -19.60 22.39 -6.95
N TYR D 46 -20.00 22.96 -5.82
CA TYR D 46 -19.06 23.45 -4.83
C TYR D 46 -18.29 22.27 -4.25
N LEU D 47 -19.03 21.22 -3.91
CA LEU D 47 -18.44 20.01 -3.34
C LEU D 47 -17.58 19.25 -4.36
N ILE D 48 -18.12 19.03 -5.56
CA ILE D 48 -17.41 18.29 -6.60
C ILE D 48 -16.05 18.89 -6.87
N THR D 49 -16.01 20.22 -6.98
CA THR D 49 -14.77 20.92 -7.25
C THR D 49 -13.75 20.63 -6.16
N LEU D 50 -14.12 20.91 -4.92
CA LEU D 50 -13.25 20.59 -3.80
C LEU D 50 -12.78 19.13 -3.82
N LEU D 51 -13.68 18.19 -4.08
CA LEU D 51 -13.34 16.76 -4.01
C LEU D 51 -12.37 16.37 -5.09
N GLU D 52 -12.66 16.82 -6.31
CA GLU D 52 -11.78 16.55 -7.43
C GLU D 52 -10.37 17.08 -7.19
N HIS D 53 -10.27 18.24 -6.53
CA HIS D 53 -8.96 18.74 -6.17
C HIS D 53 -8.34 17.88 -5.09
N LEU D 54 -9.18 17.40 -4.17
CA LEU D 54 -8.72 16.57 -3.05
C LEU D 54 -8.11 15.27 -3.59
N MET D 55 -8.83 14.63 -4.50
CA MET D 55 -8.33 13.47 -5.21
C MET D 55 -6.99 13.82 -5.82
N LYS D 56 -6.92 14.89 -6.61
CA LYS D 56 -5.66 15.26 -7.28
C LYS D 56 -4.54 15.43 -6.27
N GLU D 57 -4.85 15.97 -5.11
CA GLU D 57 -3.85 16.21 -4.11
C GLU D 57 -3.41 14.95 -3.37
N PHE D 58 -4.31 13.99 -3.19
CA PHE D 58 -3.99 12.92 -2.26
C PHE D 58 -3.94 11.54 -2.88
N LEU D 59 -4.50 11.40 -4.08
CA LEU D 59 -4.50 10.16 -4.83
C LEU D 59 -3.14 9.45 -4.89
N ASP D 60 -2.06 10.21 -5.01
CA ASP D 60 -0.73 9.63 -5.19
C ASP D 60 0.16 9.71 -3.95
N LYS D 61 -0.41 10.07 -2.82
CA LYS D 61 0.35 10.16 -1.59
C LYS D 61 0.15 8.89 -0.78
N LYS D 62 1.13 8.00 -0.84
CA LYS D 62 0.99 6.67 -0.28
C LYS D 62 0.52 6.70 1.17
N LYS D 63 0.94 7.70 1.93
CA LYS D 63 0.61 7.72 3.35
C LYS D 63 -0.88 7.72 3.61
N TYR D 64 -1.68 8.00 2.58
CA TYR D 64 -3.14 8.02 2.76
C TYR D 64 -3.88 6.90 2.03
N HIS D 65 -3.13 5.98 1.40
CA HIS D 65 -3.72 4.93 0.56
C HIS D 65 -4.73 4.09 1.33
N ASN D 66 -4.52 3.95 2.62
CA ASN D 66 -5.50 3.22 3.41
C ASN D 66 -6.09 3.95 4.61
N ASP D 67 -6.07 5.29 4.58
CA ASP D 67 -6.74 6.11 5.58
C ASP D 67 -8.24 6.12 5.28
N PRO D 68 -9.07 5.72 6.27
CA PRO D 68 -10.54 5.63 6.07
C PRO D 68 -11.17 6.93 5.64
N ARG D 69 -10.61 8.06 6.06
CA ARG D 69 -11.11 9.36 5.64
C ARG D 69 -10.96 9.54 4.14
N PHE D 70 -9.77 9.26 3.65
CA PHE D 70 -9.54 9.37 2.24
C PHE D 70 -10.38 8.38 1.43
N ILE D 71 -10.48 7.13 1.90
CA ILE D 71 -11.37 6.20 1.19
C ILE D 71 -12.77 6.78 1.14
N SER D 72 -13.22 7.33 2.25
CA SER D 72 -14.54 7.93 2.29
C SER D 72 -14.72 9.06 1.26
N TYR D 73 -13.73 9.94 1.09
CA TYR D 73 -13.81 10.91 -0.02
C TYR D 73 -13.81 10.28 -1.41
N CYS D 74 -13.05 9.22 -1.57
CA CYS D 74 -13.06 8.54 -2.86
C CYS D 74 -14.46 8.03 -3.12
N LEU D 75 -15.15 7.65 -2.05
CA LEU D 75 -16.53 7.18 -2.14
C LEU D 75 -17.59 8.24 -2.44
N LYS D 76 -17.45 9.42 -1.85
CA LYS D 76 -18.38 10.50 -2.17
C LYS D 76 -18.10 10.88 -3.58
N PHE D 77 -16.83 11.07 -3.90
CA PHE D 77 -16.44 11.55 -5.20
C PHE D 77 -16.95 10.63 -6.29
N ALA D 78 -16.91 9.33 -6.03
CA ALA D 78 -17.36 8.33 -6.99
C ALA D 78 -18.78 8.61 -7.43
N GLU D 79 -19.59 9.13 -6.52
CA GLU D 79 -20.99 9.39 -6.83
C GLU D 79 -21.14 10.32 -8.02
N TYR D 80 -20.15 11.18 -8.23
CA TYR D 80 -20.22 12.14 -9.32
C TYR D 80 -19.60 11.60 -10.61
N ASN D 81 -18.88 10.49 -10.53
CA ASN D 81 -18.24 9.96 -11.71
C ASN D 81 -19.20 9.34 -12.71
N SER D 82 -18.84 9.43 -13.99
CA SER D 82 -19.67 8.92 -15.06
C SER D 82 -19.49 7.43 -15.23
N ASP D 83 -18.31 6.93 -14.92
CA ASP D 83 -18.06 5.51 -15.06
C ASP D 83 -17.43 4.93 -13.80
N LEU D 84 -18.28 4.33 -12.96
CA LEU D 84 -17.88 3.76 -11.67
C LEU D 84 -17.02 2.52 -11.85
N HIS D 85 -17.25 1.78 -12.92
CA HIS D 85 -16.38 0.67 -13.29
C HIS D 85 -14.95 1.18 -13.33
N GLN D 86 -14.77 2.26 -14.08
CA GLN D 86 -13.45 2.75 -14.38
C GLN D 86 -12.78 3.39 -13.17
N PHE D 87 -13.57 4.07 -12.37
CA PHE D 87 -13.07 4.77 -11.20
C PHE D 87 -12.67 3.78 -10.08
N PHE D 88 -13.48 2.75 -9.87
CA PHE D 88 -13.14 1.76 -8.85
C PHE D 88 -11.91 0.96 -9.28
N GLU D 89 -11.87 0.52 -10.53
CA GLU D 89 -10.70 -0.14 -11.05
C GLU D 89 -9.44 0.68 -10.76
N PHE D 90 -9.52 1.98 -11.10
CA PHE D 90 -8.37 2.84 -10.90
C PHE D 90 -7.91 2.83 -9.46
N LEU D 91 -8.86 3.01 -8.56
CA LEU D 91 -8.58 2.99 -7.13
C LEU D 91 -7.86 1.71 -6.73
N TYR D 92 -8.44 0.56 -7.11
CA TYR D 92 -7.90 -0.73 -6.73
C TYR D 92 -6.49 -0.88 -7.28
N ASN D 93 -6.37 -0.67 -8.59
CA ASN D 93 -5.07 -0.72 -9.25
C ASN D 93 -4.02 0.16 -8.60
N HIS D 94 -4.37 1.33 -8.10
CA HIS D 94 -3.33 2.21 -7.60
C HIS D 94 -3.01 2.12 -6.12
N GLY D 95 -3.63 1.18 -5.42
CA GLY D 95 -3.26 0.92 -4.04
C GLY D 95 -4.21 1.53 -3.02
N ILE D 96 -5.29 2.12 -3.54
CA ILE D 96 -6.17 2.89 -2.69
C ILE D 96 -7.23 2.02 -2.07
N GLY D 97 -7.27 2.02 -0.74
CA GLY D 97 -8.16 1.18 0.02
C GLY D 97 -8.14 -0.30 -0.32
N THR D 98 -6.99 -0.80 -0.70
CA THR D 98 -6.92 -2.21 -1.06
C THR D 98 -7.23 -3.09 0.17
N LEU D 99 -7.33 -2.44 1.32
CA LEU D 99 -7.62 -3.13 2.58
C LEU D 99 -8.98 -2.73 3.16
N SER D 100 -9.70 -1.88 2.46
CA SER D 100 -10.94 -1.31 2.97
C SER D 100 -12.15 -2.12 2.50
N SER D 101 -12.83 -2.76 3.44
CA SER D 101 -14.02 -3.56 3.11
C SER D 101 -15.13 -2.76 2.43
N PRO D 102 -15.34 -1.50 2.87
CA PRO D 102 -16.40 -0.68 2.26
C PRO D 102 -16.12 -0.41 0.80
N LEU D 103 -14.86 -0.17 0.46
CA LEU D 103 -14.53 0.04 -0.93
C LEU D 103 -14.95 -1.15 -1.77
N TYR D 104 -14.54 -2.36 -1.39
CA TYR D 104 -14.93 -3.57 -2.14
C TYR D 104 -16.45 -3.77 -2.18
N ILE D 105 -17.10 -3.67 -1.03
CA ILE D 105 -18.54 -3.70 -0.96
C ILE D 105 -19.23 -2.66 -1.88
N ALA D 106 -18.75 -1.40 -1.85
CA ALA D 106 -19.33 -0.36 -2.71
C ALA D 106 -19.14 -0.74 -4.17
N TRP D 107 -17.89 -1.00 -4.53
CA TRP D 107 -17.52 -1.46 -5.86
C TRP D 107 -18.37 -2.64 -6.31
N ALA D 108 -18.31 -3.74 -5.57
CA ALA D 108 -19.09 -4.92 -5.98
C ALA D 108 -20.59 -4.63 -6.05
N GLY D 109 -21.09 -3.80 -5.13
CA GLY D 109 -22.50 -3.47 -5.09
C GLY D 109 -22.95 -2.76 -6.34
N HIS D 110 -22.06 -1.95 -6.90
CA HIS D 110 -22.30 -1.31 -8.19
C HIS D 110 -22.47 -2.32 -9.33
N LEU D 111 -21.51 -3.22 -9.47
CA LEU D 111 -21.59 -4.29 -10.47
C LEU D 111 -22.83 -5.18 -10.29
N GLU D 112 -23.11 -5.56 -9.04
CA GLU D 112 -24.28 -6.38 -8.75
C GLU D 112 -25.56 -5.69 -9.24
N ALA D 113 -25.71 -4.42 -8.92
CA ALA D 113 -26.88 -3.65 -9.35
C ALA D 113 -26.97 -3.63 -10.90
N GLN D 114 -25.81 -3.58 -11.56
CA GLN D 114 -25.71 -3.66 -13.01
C GLN D 114 -26.03 -5.07 -13.46
N GLY D 115 -26.35 -5.92 -12.52
CA GLY D 115 -26.59 -7.31 -12.86
C GLY D 115 -25.34 -8.07 -13.27
N GLU D 116 -24.16 -7.44 -13.16
CA GLU D 116 -22.90 -8.15 -13.42
C GLU D 116 -22.43 -8.98 -12.22
N LEU D 117 -23.09 -10.10 -11.99
CA LEU D 117 -22.89 -10.90 -10.78
C LEU D 117 -21.54 -11.59 -10.75
N GLN D 118 -20.99 -11.92 -11.91
CA GLN D 118 -19.70 -12.59 -11.95
C GLN D 118 -18.60 -11.59 -11.61
N HIS D 119 -18.68 -10.39 -12.16
CA HIS D 119 -17.75 -9.33 -11.79
C HIS D 119 -17.84 -9.03 -10.29
N ALA D 120 -19.06 -8.86 -9.80
CA ALA D 120 -19.26 -8.53 -8.39
C ALA D 120 -18.64 -9.60 -7.49
N SER D 121 -18.92 -10.87 -7.80
CA SER D 121 -18.31 -11.97 -7.07
C SER D 121 -16.80 -11.82 -7.08
N ALA D 122 -16.25 -11.53 -8.25
CA ALA D 122 -14.83 -11.38 -8.41
C ALA D 122 -14.30 -10.31 -7.44
N VAL D 123 -14.89 -9.12 -7.49
CA VAL D 123 -14.45 -8.00 -6.67
C VAL D 123 -14.48 -8.36 -5.20
N LEU D 124 -15.59 -8.95 -4.76
CA LEU D 124 -15.70 -9.36 -3.35
C LEU D 124 -14.60 -10.34 -2.93
N GLN D 125 -14.21 -11.21 -3.85
CA GLN D 125 -13.13 -12.16 -3.57
C GLN D 125 -11.73 -11.53 -3.61
N ARG D 126 -11.47 -10.62 -4.57
CA ARG D 126 -10.25 -9.78 -4.50
C ARG D 126 -10.11 -9.19 -3.08
N GLY D 127 -11.21 -8.70 -2.54
CA GLY D 127 -11.18 -8.08 -1.23
C GLY D 127 -10.86 -9.02 -0.06
N ILE D 128 -11.43 -10.21 -0.10
CA ILE D 128 -11.25 -11.20 0.94
C ILE D 128 -9.84 -11.80 0.91
N GLN D 129 -9.32 -12.03 -0.28
CA GLN D 129 -7.97 -12.53 -0.38
C GLN D 129 -6.98 -11.43 0.00
N ASN D 130 -7.32 -10.19 -0.30
CA ASN D 130 -6.47 -9.08 0.09
C ASN D 130 -6.55 -8.77 1.58
N GLN D 131 -7.38 -9.51 2.31
CA GLN D 131 -7.43 -9.36 3.77
C GLN D 131 -8.06 -8.04 4.17
N ALA D 132 -8.94 -7.52 3.33
CA ALA D 132 -9.62 -6.27 3.61
C ALA D 132 -10.38 -6.36 4.93
N GLU D 133 -10.52 -5.22 5.60
CA GLU D 133 -11.21 -5.13 6.88
C GLU D 133 -12.27 -4.01 6.86
N PRO D 134 -13.29 -4.11 7.73
CA PRO D 134 -13.43 -5.15 8.76
C PRO D 134 -13.78 -6.51 8.15
N ARG D 135 -12.93 -7.49 8.45
CA ARG D 135 -12.98 -8.82 7.86
C ARG D 135 -14.38 -9.44 7.74
N GLU D 136 -15.06 -9.60 8.87
CA GLU D 136 -16.31 -10.36 8.89
C GLU D 136 -17.46 -9.72 8.12
N PHE D 137 -17.51 -8.38 8.16
CA PHE D 137 -18.44 -7.57 7.39
C PHE D 137 -18.37 -7.93 5.90
N LEU D 138 -17.16 -8.09 5.41
CA LEU D 138 -16.96 -8.47 4.02
C LEU D 138 -17.45 -9.90 3.78
N GLN D 139 -17.16 -10.82 4.68
CA GLN D 139 -17.62 -12.20 4.48
C GLN D 139 -19.12 -12.16 4.46
N GLN D 140 -19.66 -11.30 5.31
CA GLN D 140 -21.09 -11.17 5.44
C GLN D 140 -21.72 -10.80 4.12
N GLN D 141 -21.27 -9.70 3.53
CA GLN D 141 -21.76 -9.26 2.23
C GLN D 141 -21.54 -10.34 1.21
N TYR D 142 -20.35 -10.92 1.21
CA TYR D 142 -20.07 -11.97 0.27
C TYR D 142 -21.10 -13.09 0.39
N ARG D 143 -21.46 -13.40 1.63
CA ARG D 143 -22.44 -14.44 1.91
C ARG D 143 -23.85 -14.04 1.46
N LEU D 144 -24.26 -12.81 1.76
CA LEU D 144 -25.54 -12.27 1.27
C LEU D 144 -25.54 -12.26 -0.26
N PHE D 145 -24.40 -11.95 -0.86
CA PHE D 145 -24.29 -11.98 -2.32
C PHE D 145 -24.43 -13.40 -2.90
N GLN D 146 -23.96 -14.40 -2.16
CA GLN D 146 -24.03 -15.78 -2.62
C GLN D 146 -25.43 -16.39 -2.54
N THR D 147 -26.28 -15.87 -1.66
CA THR D 147 -27.68 -16.33 -1.54
C THR D 147 -28.43 -16.08 -2.84
N ARG D 148 -27.87 -15.17 -3.65
CA ARG D 148 -28.45 -14.80 -4.92
C ARG D 148 -27.94 -15.67 -6.06
N LEU D 149 -26.94 -16.49 -5.77
CA LEU D 149 -26.40 -17.36 -6.81
C LEU D 149 -27.19 -18.68 -6.88
N THR D 150 -27.26 -19.23 -8.09
CA THR D 150 -28.03 -20.44 -8.35
C THR D 150 -27.26 -21.70 -7.92
N LYS E 29 11.86 -14.57 -27.09
CA LYS E 29 10.83 -13.57 -26.75
C LYS E 29 9.40 -14.09 -26.84
N ILE E 30 8.49 -13.44 -26.12
CA ILE E 30 7.08 -13.80 -26.14
C ILE E 30 6.27 -12.59 -26.59
N ASP E 31 5.04 -12.83 -27.03
CA ASP E 31 4.21 -11.74 -27.49
C ASP E 31 3.50 -11.11 -26.32
N THR E 32 3.91 -9.89 -25.97
CA THR E 32 3.38 -9.25 -24.77
C THR E 32 1.89 -8.97 -24.91
N THR E 33 1.44 -8.62 -26.11
CA THR E 33 0.01 -8.35 -26.31
C THR E 33 -0.86 -9.55 -25.95
N SER E 34 -0.54 -10.69 -26.55
CA SER E 34 -1.21 -11.97 -26.25
C SER E 34 -1.11 -12.29 -24.77
N PHE E 35 0.10 -12.14 -24.23
CA PHE E 35 0.32 -12.46 -22.83
C PHE E 35 -0.54 -11.63 -21.88
N LEU E 36 -0.57 -10.33 -22.11
CA LEU E 36 -1.32 -9.41 -21.24
C LEU E 36 -2.81 -9.63 -21.40
N ALA E 37 -3.22 -9.90 -22.64
CA ALA E 37 -4.62 -10.21 -22.93
C ALA E 37 -5.13 -11.35 -22.04
N ASN E 38 -4.47 -12.50 -22.10
CA ASN E 38 -4.76 -13.60 -21.20
C ASN E 38 -4.95 -13.12 -19.74
N LEU E 39 -4.34 -11.98 -19.40
CA LEU E 39 -4.49 -11.40 -18.07
C LEU E 39 -5.63 -10.37 -17.99
N LYS E 40 -6.83 -10.85 -17.67
CA LYS E 40 -8.00 -9.98 -17.54
C LYS E 40 -9.17 -10.70 -16.88
N THR F 28 20.88 14.96 7.02
CA THR F 28 21.78 14.52 8.08
C THR F 28 22.34 13.10 7.82
N LYS F 29 23.67 13.00 7.84
CA LYS F 29 24.32 11.73 7.53
C LYS F 29 24.92 11.07 8.76
N ILE F 30 25.40 9.84 8.58
CA ILE F 30 26.20 9.18 9.59
C ILE F 30 27.60 8.91 9.02
N ASP F 31 28.61 8.90 9.87
CA ASP F 31 29.96 8.69 9.40
C ASP F 31 30.17 7.24 9.00
N THR F 32 30.41 6.99 7.73
CA THR F 32 30.38 5.62 7.28
C THR F 32 31.59 4.82 7.75
N THR F 33 32.73 5.49 7.92
CA THR F 33 33.95 4.84 8.42
C THR F 33 33.81 4.36 9.86
N SER F 34 33.34 5.25 10.74
CA SER F 34 33.00 4.86 12.12
C SER F 34 32.03 3.72 12.14
N PHE F 35 30.96 3.85 11.35
CA PHE F 35 29.95 2.81 11.29
C PHE F 35 30.56 1.49 10.84
N LEU F 36 31.30 1.53 9.74
CA LEU F 36 31.93 0.33 9.22
C LEU F 36 32.88 -0.25 10.27
N ALA F 37 33.55 0.60 11.04
CA ALA F 37 34.47 0.10 12.07
C ALA F 37 33.72 -0.68 13.13
N ASN F 38 32.65 -0.10 13.63
CA ASN F 38 31.75 -0.82 14.52
C ASN F 38 31.17 -2.11 13.92
N LEU F 39 30.89 -2.05 12.63
CA LEU F 39 30.24 -3.16 11.95
C LEU F 39 31.04 -4.45 11.99
N LYS F 40 32.37 -4.31 12.01
CA LYS F 40 33.23 -5.47 12.24
C LYS F 40 33.35 -5.74 13.75
N LEU F 41 32.73 -6.83 14.19
CA LEU F 41 32.73 -7.22 15.60
C LEU F 41 32.51 -8.74 15.73
N HIS F 42 33.40 -9.52 15.10
CA HIS F 42 33.30 -10.98 15.07
C HIS F 42 34.58 -11.59 14.49
N THR G 28 -14.19 -16.22 20.89
CA THR G 28 -13.36 -15.07 21.23
C THR G 28 -14.13 -13.72 21.21
N LYS G 29 -15.19 -13.63 22.01
CA LYS G 29 -16.06 -12.45 22.04
C LYS G 29 -16.05 -11.76 23.41
N ILE G 30 -16.23 -10.44 23.39
CA ILE G 30 -16.46 -9.68 24.63
C ILE G 30 -17.98 -9.72 24.91
N ASP G 31 -18.37 -9.77 26.17
CA ASP G 31 -19.79 -9.73 26.52
C ASP G 31 -20.24 -8.30 26.40
N THR G 32 -21.08 -8.02 25.41
CA THR G 32 -21.31 -6.60 25.13
C THR G 32 -22.15 -5.85 26.19
N THR G 33 -23.11 -6.53 26.82
CA THR G 33 -23.84 -5.94 27.96
C THR G 33 -22.91 -5.52 29.11
N SER G 34 -22.02 -6.42 29.52
CA SER G 34 -20.97 -6.12 30.51
C SER G 34 -20.06 -4.97 30.11
N PHE G 35 -19.69 -4.91 28.83
CA PHE G 35 -18.82 -3.84 28.35
C PHE G 35 -19.52 -2.50 28.33
N LEU G 36 -20.78 -2.49 27.89
CA LEU G 36 -21.57 -1.28 27.87
C LEU G 36 -21.85 -0.79 29.30
N ALA G 37 -22.33 -1.68 30.18
CA ALA G 37 -22.55 -1.35 31.59
C ALA G 37 -21.30 -0.68 32.14
N ASN G 38 -20.17 -1.30 31.89
CA ASN G 38 -18.90 -0.75 32.32
C ASN G 38 -18.58 0.60 31.67
N LEU G 39 -18.99 0.75 30.42
CA LEU G 39 -18.64 1.92 29.64
C LEU G 39 -19.34 3.17 30.16
N LYS G 40 -20.67 3.15 30.19
CA LYS G 40 -21.43 4.20 30.87
C LYS G 40 -20.81 4.58 32.21
N LEU G 41 -20.26 3.58 32.90
CA LEU G 41 -19.65 3.76 34.23
C LEU G 41 -18.38 4.61 34.17
N HIS G 42 -18.56 5.93 34.10
CA HIS G 42 -17.43 6.85 34.04
C HIS G 42 -17.74 8.17 34.76
N THR H 28 -25.48 12.32 -15.94
CA THR H 28 -24.24 12.95 -16.38
C THR H 28 -23.66 13.83 -15.30
N LYS H 29 -22.41 13.56 -14.90
CA LYS H 29 -21.69 14.52 -14.09
C LYS H 29 -20.26 14.72 -14.57
N ILE H 30 -19.27 14.36 -13.76
CA ILE H 30 -17.89 14.50 -14.23
C ILE H 30 -17.41 13.27 -14.99
N ASP H 31 -16.55 13.51 -15.96
CA ASP H 31 -16.12 12.49 -16.90
C ASP H 31 -14.89 11.77 -16.35
N THR H 32 -15.09 10.54 -15.89
CA THR H 32 -14.04 9.86 -15.16
C THR H 32 -12.86 9.57 -16.09
N THR H 33 -13.15 9.04 -17.25
CA THR H 33 -12.11 8.74 -18.22
C THR H 33 -11.20 9.96 -18.50
N SER H 34 -11.81 11.12 -18.72
CA SER H 34 -11.08 12.38 -18.81
C SER H 34 -10.36 12.77 -17.52
N PHE H 35 -11.09 12.78 -16.41
CA PHE H 35 -10.51 13.13 -15.12
C PHE H 35 -9.28 12.28 -14.80
N LEU H 36 -9.37 11.00 -15.15
CA LEU H 36 -8.29 10.05 -14.91
C LEU H 36 -7.13 10.27 -15.88
N ALA H 37 -7.43 10.80 -17.06
CA ALA H 37 -6.39 11.21 -18.02
C ALA H 37 -5.38 12.17 -17.40
N ASN H 38 -5.85 13.30 -16.83
CA ASN H 38 -4.98 14.25 -16.12
C ASN H 38 -3.79 13.59 -15.42
N LEU H 39 -4.07 12.60 -14.58
CA LEU H 39 -3.02 11.87 -13.88
C LEU H 39 -2.78 10.47 -14.45
N LYS H 40 -2.33 10.42 -15.71
CA LYS H 40 -1.97 9.17 -16.36
C LYS H 40 -0.70 9.43 -17.19
N LEU H 41 -0.10 8.37 -17.72
CA LEU H 41 1.09 8.51 -18.56
C LEU H 41 0.88 8.13 -20.03
N HIS H 42 1.41 8.97 -20.90
CA HIS H 42 1.15 8.91 -22.34
C HIS H 42 1.95 7.81 -23.06
N THR H 43 1.79 7.71 -24.37
CA THR H 43 2.45 6.71 -25.19
C THR H 43 2.02 6.84 -26.65
#